data_1CD3
#
_entry.id   1CD3
#
_cell.length_a   774.000
_cell.length_b   774.000
_cell.length_c   774.000
_cell.angle_alpha   90.00
_cell.angle_beta   90.00
_cell.angle_gamma   90.00
#
_symmetry.space_group_name_H-M   'I 21 3'
#
loop_
_entity.id
_entity.type
_entity.pdbx_description
1 polymer 'PROTEIN (SCAFFOLDING PROTEIN GPD)'
2 polymer 'PROTEIN (CAPSID PROTEIN GPF)'
3 polymer 'PROTEIN (SPIKE PROTEIN GPG)'
4 polymer 'PROTEIN (SCAFFOLDING PROTEIN GPB)'
5 water water
#
loop_
_entity_poly.entity_id
_entity_poly.type
_entity_poly.pdbx_seq_one_letter_code
_entity_poly.pdbx_strand_id
1 'polypeptide(L)'
;MSQVTEQSVRFQTALASIKLIQASAVLDLTEDDFDFLTSNKVWIATDRSRARRCVEACVYGTLDFVGYPRFPAPVEFIAA
VIAYYVHPVNIQTACLIMEGAEFTENIINGVERPVKAAELFAFTLRVRAGNTDVLTDAEENVRQKLRAEGVM
;
1,2,3,4
2 'polypeptide(L)'
;SNIQTGAERMPHDLSHLGFLAGQIGRLITISTTPVIAGDSFEMDAVGALRLSPLRRGLAIDSTVDIFTFYVPHRHVYGEQ
WIKFMKDGVNATPLPTVNTTGYIDHAAFLGTINPDTNKIPKHLFQGYLNIYNNYFKAPWMPDRTEANPNELNQDDARFGF
RCCHLKNIWTAPLPPETELSRQMTTSTTSIDIMGLQAAYANLHTDQERDYFMQRYRDVISSFGGKTSYDADNRPLLVMRS
NLWASGYDVDGTDQTSLGQFSGRVQQTYKHSVPRFFVPEHGTMFTLALVRFPPTATKEIQYLNAKGALTYTDIAGDPVLY
GNLPPREISMKDVFRSGDSSKKFKIAEGQWYRYAPSYVSPAYHLLEGFPFIQEPPSGDLQERVLIRHHDYDQCFQSVQLL
QWNSQVKFNVTVYRNLPTTRDSIMTS
;
F
3 'polypeptide(L)'
;MFQTFISRHNSNFFSDKLVLTSVTPASSAPVLQTPKATSSTLYFDSLTVNAGNGGFLHCIQMDTSVNAANQVVSVGADIA
FDADPKFFACLVRFESSSVPTTLPTAYDVYPLNGRHDGGYYTVKDCVTIDVLPRTPGNNVYVGFMVWSNFTATKCRGLVS
LNQVIKEIICLQPLK
;
G
4 'polypeptide(L)'
;MEQLTKNQAVATSQEAVQNQNEPQLRDENAHNDKSVHGVLNPTYQAGLRRDAVQPDIEAERKKRDEIEAGKSYCSRRFGG
ATCDDKSAQIYARFDKNDWRIQPAEFYRFHDAEVNTFGYF
;
B
#
# COMPACT_ATOMS: atom_id res chain seq x y z
N GLU A 6 -3.63 19.01 -2.56
CA GLU A 6 -2.65 18.15 -1.83
C GLU A 6 -1.23 18.61 -2.20
N GLN A 7 -1.12 19.32 -3.31
CA GLN A 7 0.17 19.82 -3.76
C GLN A 7 0.52 21.15 -3.09
N SER A 8 -0.44 22.06 -2.97
CA SER A 8 -0.10 23.33 -2.32
C SER A 8 0.49 22.93 -0.98
N VAL A 9 -0.21 22.03 -0.31
CA VAL A 9 0.25 21.53 0.97
C VAL A 9 1.71 21.13 0.83
N ARG A 10 2.02 20.38 -0.23
CA ARG A 10 3.40 19.97 -0.49
C ARG A 10 4.17 21.27 -0.42
N PHE A 11 4.11 22.02 -1.51
CA PHE A 11 4.78 23.30 -1.61
C PHE A 11 4.88 23.91 -0.25
N GLN A 12 3.72 24.16 0.32
CA GLN A 12 3.61 24.73 1.65
C GLN A 12 4.76 24.27 2.52
N THR A 13 4.65 23.03 2.99
CA THR A 13 5.66 22.43 3.84
C THR A 13 7.05 22.59 3.20
N ALA A 14 7.14 22.32 1.91
CA ALA A 14 8.39 22.42 1.16
C ALA A 14 9.13 23.70 1.54
N LEU A 15 8.37 24.76 1.65
CA LEU A 15 8.90 26.07 1.99
C LEU A 15 9.21 26.15 3.48
N ALA A 16 8.23 25.75 4.26
CA ALA A 16 8.34 25.74 5.72
C ALA A 16 9.65 25.13 6.15
N SER A 17 10.16 24.27 5.29
CA SER A 17 11.40 23.63 5.61
C SER A 17 12.50 24.67 5.49
N ILE A 18 12.46 25.50 4.45
CA ILE A 18 13.49 26.50 4.30
C ILE A 18 13.72 27.24 5.62
N LYS A 19 12.66 27.81 6.17
CA LYS A 19 12.80 28.53 7.42
C LYS A 19 13.52 27.64 8.40
N LEU A 20 13.07 26.39 8.46
CA LEU A 20 13.65 25.42 9.35
C LEU A 20 15.12 25.24 9.02
N ILE A 21 15.47 25.22 7.73
CA ILE A 21 16.88 25.06 7.37
C ILE A 21 17.61 26.26 7.88
N GLN A 22 17.24 27.43 7.39
CA GLN A 22 17.89 28.67 7.80
C GLN A 22 18.36 28.63 9.26
N ALA A 23 17.56 27.99 10.12
CA ALA A 23 17.88 27.87 11.53
C ALA A 23 19.14 27.03 11.77
N SER A 24 19.23 25.91 11.03
CA SER A 24 20.36 24.97 11.07
C SER A 24 21.49 25.40 12.01
N ALA A 25 21.68 24.61 13.06
CA ALA A 25 22.68 24.90 14.07
C ALA A 25 24.11 24.86 13.57
N VAL A 26 24.50 23.71 13.05
CA VAL A 26 25.85 23.58 12.55
C VAL A 26 25.74 23.00 11.16
N LEU A 27 26.79 23.15 10.36
CA LEU A 27 26.80 22.58 9.01
C LEU A 27 28.02 21.71 9.00
N ASP A 28 27.84 20.44 8.72
CA ASP A 28 29.02 19.59 8.75
C ASP A 28 29.73 19.49 7.44
N LEU A 29 30.08 20.61 6.93
CA LEU A 29 30.79 20.67 5.67
C LEU A 29 32.05 21.48 5.82
N THR A 30 33.06 21.00 5.13
CA THR A 30 34.33 21.71 5.07
C THR A 30 34.12 22.89 4.16
N GLU A 31 34.77 23.98 4.48
CA GLU A 31 34.66 25.16 3.65
C GLU A 31 34.53 24.70 2.21
N ASP A 32 35.54 23.95 1.79
CA ASP A 32 35.58 23.42 0.46
C ASP A 32 34.27 22.76 0.09
N ASP A 33 34.03 21.65 0.72
CA ASP A 33 32.83 20.89 0.46
C ASP A 33 31.64 21.78 0.23
N PHE A 34 31.46 22.79 1.10
CA PHE A 34 30.39 23.79 0.88
C PHE A 34 30.51 24.29 -0.56
N ASP A 35 31.54 23.78 -1.23
CA ASP A 35 31.84 24.13 -2.62
C ASP A 35 31.20 23.11 -3.58
N PHE A 36 31.82 21.95 -3.81
CA PHE A 36 31.18 21.00 -4.74
C PHE A 36 29.69 21.28 -4.71
N LEU A 37 29.32 21.52 -3.47
CA LEU A 37 27.95 21.74 -3.02
C LEU A 37 27.29 22.97 -3.64
N THR A 38 27.79 24.14 -3.30
CA THR A 38 27.13 25.39 -3.71
C THR A 38 27.70 26.09 -4.91
N SER A 39 28.91 25.71 -5.33
CA SER A 39 29.54 26.36 -6.50
C SER A 39 28.68 26.28 -7.75
N ASN A 40 29.20 26.76 -8.85
CA ASN A 40 28.48 26.71 -10.09
C ASN A 40 29.22 25.81 -11.05
N LYS A 41 30.23 25.12 -10.54
CA LYS A 41 30.99 24.22 -11.39
C LYS A 41 30.22 22.92 -11.49
N VAL A 42 30.09 22.38 -12.70
CA VAL A 42 29.35 21.15 -12.89
C VAL A 42 29.86 19.93 -12.15
N TRP A 43 28.91 19.14 -11.65
CA TRP A 43 29.14 17.88 -10.94
C TRP A 43 29.28 16.78 -11.98
N ILE A 44 30.44 16.14 -12.11
CA ILE A 44 30.56 15.08 -13.11
C ILE A 44 30.28 13.75 -12.45
N ALA A 45 30.06 12.73 -13.28
CA ALA A 45 29.78 11.40 -12.79
C ALA A 45 30.64 11.00 -11.58
N THR A 46 31.95 11.09 -11.70
CA THR A 46 32.83 10.70 -10.61
C THR A 46 32.65 11.53 -9.35
N ASP A 47 31.75 12.51 -9.37
CA ASP A 47 31.56 13.37 -8.21
C ASP A 47 30.38 12.94 -7.36
N ARG A 48 29.31 12.54 -8.02
CA ARG A 48 28.08 12.14 -7.33
C ARG A 48 28.18 11.83 -5.85
N SER A 49 29.03 10.88 -5.47
CA SER A 49 29.19 10.57 -4.04
C SER A 49 29.37 11.89 -3.26
N ARG A 50 30.48 12.59 -3.45
CA ARG A 50 30.68 13.86 -2.74
C ARG A 50 29.38 14.61 -2.75
N ALA A 51 28.82 14.80 -3.95
CA ALA A 51 27.56 15.51 -4.06
C ALA A 51 26.67 14.97 -2.97
N ARG A 52 26.21 13.74 -3.14
CA ARG A 52 25.34 13.17 -2.13
C ARG A 52 25.80 13.53 -0.75
N ARG A 53 26.97 13.08 -0.36
CA ARG A 53 27.45 13.40 0.96
C ARG A 53 27.11 14.80 1.45
N CYS A 54 27.38 15.81 0.64
CA CYS A 54 27.07 17.15 1.06
C CYS A 54 25.59 17.40 1.04
N VAL A 55 24.94 17.22 -0.09
CA VAL A 55 23.49 17.44 -0.13
C VAL A 55 22.89 16.79 1.08
N GLU A 56 23.30 15.54 1.32
CA GLU A 56 22.83 14.76 2.47
C GLU A 56 23.10 15.57 3.75
N ALA A 57 24.37 15.93 3.88
CA ALA A 57 24.90 16.70 5.01
C ALA A 57 24.02 17.86 5.42
N CYS A 58 23.47 18.57 4.44
CA CYS A 58 22.63 19.68 4.78
C CYS A 58 21.30 19.19 5.38
N VAL A 59 20.88 17.96 5.03
CA VAL A 59 19.66 17.40 5.58
C VAL A 59 19.78 16.92 7.05
N TYR A 60 20.84 16.20 7.38
CA TYR A 60 20.98 15.60 8.73
C TYR A 60 22.09 16.24 9.57
N GLY A 61 22.45 17.45 9.21
CA GLY A 61 23.50 18.23 9.88
C GLY A 61 23.53 17.97 11.41
N THR A 62 23.00 18.95 12.13
CA THR A 62 22.94 18.96 13.61
C THR A 62 22.96 17.54 14.18
N LEU A 63 22.02 16.75 13.71
CA LEU A 63 21.84 15.37 14.17
C LEU A 63 23.16 14.63 14.21
N ASP A 64 23.90 14.71 13.11
CA ASP A 64 25.17 14.04 13.07
C ASP A 64 26.14 14.72 14.01
N PHE A 65 26.36 15.99 13.74
CA PHE A 65 27.30 16.76 14.53
C PHE A 65 27.14 16.62 16.04
N VAL A 66 25.91 16.51 16.51
CA VAL A 66 25.67 16.39 17.92
C VAL A 66 25.75 14.96 18.45
N GLY A 67 25.24 14.00 17.69
CA GLY A 67 25.32 12.63 18.17
C GLY A 67 24.08 11.78 18.02
N TYR A 68 22.97 12.35 17.58
CA TYR A 68 21.79 11.52 17.41
C TYR A 68 21.89 10.77 16.08
N PRO A 69 21.14 9.70 15.95
CA PRO A 69 21.17 8.91 14.75
C PRO A 69 20.30 9.54 13.70
N ARG A 70 20.63 9.28 12.45
CA ARG A 70 19.85 9.82 11.38
C ARG A 70 18.51 9.12 11.30
N PHE A 71 17.71 9.59 10.35
CA PHE A 71 16.39 9.03 10.10
C PHE A 71 15.80 9.85 8.92
N PRO A 72 14.89 9.23 8.18
CA PRO A 72 14.36 9.71 6.88
C PRO A 72 13.77 11.07 6.82
N ALA A 73 14.26 11.82 5.86
CA ALA A 73 13.77 13.17 5.65
C ALA A 73 12.68 13.08 4.61
N PRO A 74 11.51 13.65 4.89
CA PRO A 74 10.46 13.60 3.90
C PRO A 74 10.91 14.48 2.73
N VAL A 75 10.47 14.13 1.52
CA VAL A 75 10.85 14.82 0.28
C VAL A 75 10.82 16.36 0.26
N GLU A 76 9.66 16.93 0.60
CA GLU A 76 9.50 18.36 0.62
C GLU A 76 10.72 18.98 1.25
N PHE A 77 11.25 18.33 2.29
CA PHE A 77 12.47 18.81 2.95
C PHE A 77 13.66 18.76 1.99
N ILE A 78 14.04 17.55 1.61
CA ILE A 78 15.14 17.31 0.68
C ILE A 78 15.08 18.31 -0.47
N ALA A 79 13.85 18.62 -0.90
CA ALA A 79 13.62 19.56 -1.99
C ALA A 79 14.22 20.89 -1.57
N ALA A 80 13.57 21.52 -0.60
CA ALA A 80 14.01 22.80 -0.07
C ALA A 80 15.52 22.89 -0.01
N VAL A 81 16.12 21.88 0.56
CA VAL A 81 17.56 21.85 0.71
C VAL A 81 18.24 21.96 -0.62
N ILE A 82 17.97 21.01 -1.51
CA ILE A 82 18.58 21.07 -2.82
C ILE A 82 18.32 22.47 -3.38
N ALA A 83 17.05 22.84 -3.39
CA ALA A 83 16.57 24.12 -3.90
C ALA A 83 17.37 25.26 -3.35
N TYR A 84 17.62 25.18 -2.06
CA TYR A 84 18.32 26.22 -1.36
C TYR A 84 19.83 26.30 -1.56
N TYR A 85 20.57 25.19 -1.41
CA TYR A 85 22.03 25.22 -1.58
C TYR A 85 22.58 24.84 -2.95
N VAL A 86 22.01 23.81 -3.59
CA VAL A 86 22.52 23.39 -4.90
C VAL A 86 22.32 24.46 -5.93
N HIS A 87 23.35 24.70 -6.73
CA HIS A 87 23.25 25.71 -7.78
C HIS A 87 22.47 25.14 -8.95
N PRO A 88 21.64 25.93 -9.60
CA PRO A 88 20.85 25.48 -10.74
C PRO A 88 21.56 24.56 -11.73
N VAL A 89 22.81 24.87 -12.04
CA VAL A 89 23.55 24.06 -12.98
C VAL A 89 23.58 22.61 -12.51
N ASN A 90 23.51 22.41 -11.20
CA ASN A 90 23.53 21.06 -10.68
C ASN A 90 22.20 20.55 -10.08
N ILE A 91 21.15 21.35 -10.04
CA ILE A 91 19.90 20.89 -9.41
C ILE A 91 19.41 19.55 -9.95
N GLN A 92 19.60 19.31 -11.25
CA GLN A 92 19.20 18.03 -11.86
C GLN A 92 19.92 16.82 -11.32
N THR A 93 21.21 16.72 -11.62
CA THR A 93 21.93 15.57 -11.09
C THR A 93 21.73 15.55 -9.59
N ALA A 94 21.67 16.71 -8.95
CA ALA A 94 21.49 16.77 -7.51
C ALA A 94 20.26 16.01 -7.09
N CYS A 95 19.21 16.09 -7.89
CA CYS A 95 17.98 15.39 -7.59
C CYS A 95 18.17 13.90 -7.85
N LEU A 96 18.75 13.58 -9.02
CA LEU A 96 19.01 12.20 -9.39
C LEU A 96 19.73 11.46 -8.27
N ILE A 97 20.69 12.14 -7.65
CA ILE A 97 21.42 11.54 -6.55
C ILE A 97 20.55 11.25 -5.32
N MET A 98 19.54 12.08 -5.07
CA MET A 98 18.67 11.89 -3.89
C MET A 98 17.45 10.99 -4.09
N GLU A 99 17.03 10.87 -5.34
CA GLU A 99 15.88 10.06 -5.73
C GLU A 99 15.68 8.89 -4.76
N GLY A 100 14.49 8.81 -4.14
CA GLY A 100 14.18 7.69 -3.22
C GLY A 100 13.05 7.98 -2.21
N ALA A 101 13.32 8.94 -1.34
CA ALA A 101 12.42 9.30 -0.21
C ALA A 101 10.98 9.57 -0.62
N GLU A 102 10.11 9.67 0.38
CA GLU A 102 8.70 9.88 0.14
C GLU A 102 8.15 11.19 0.68
N PHE A 103 7.05 11.62 0.08
CA PHE A 103 6.37 12.86 0.48
C PHE A 103 5.73 12.64 1.87
N THR A 104 5.67 13.72 2.64
CA THR A 104 5.06 13.68 3.99
C THR A 104 3.76 12.90 3.94
N GLU A 105 2.88 13.30 3.02
CA GLU A 105 1.60 12.64 2.87
C GLU A 105 1.75 11.14 3.05
N ASN A 106 2.40 10.51 2.07
CA ASN A 106 2.64 9.08 2.05
C ASN A 106 3.08 8.54 3.39
N ILE A 107 4.09 9.21 3.97
CA ILE A 107 4.67 8.86 5.26
C ILE A 107 3.56 8.80 6.27
N ILE A 108 2.85 9.91 6.33
CA ILE A 108 1.78 10.05 7.27
C ILE A 108 0.73 8.93 7.07
N ASN A 109 0.62 8.49 5.83
CA ASN A 109 -0.41 7.52 5.42
C ASN A 109 0.07 6.06 5.33
N GLY A 110 1.25 5.76 5.84
CA GLY A 110 1.76 4.39 5.76
C GLY A 110 1.50 3.86 4.34
N VAL A 111 2.22 4.43 3.38
CA VAL A 111 2.06 4.05 2.01
C VAL A 111 3.39 4.16 1.32
N GLU A 112 4.01 3.01 1.14
CA GLU A 112 5.30 3.02 0.47
C GLU A 112 5.06 3.57 -0.94
N ARG A 113 5.76 4.63 -1.25
CA ARG A 113 5.71 5.26 -2.58
C ARG A 113 6.89 6.18 -2.73
N PRO A 114 8.05 5.58 -2.90
CA PRO A 114 9.28 6.31 -3.08
C PRO A 114 9.30 7.15 -4.35
N VAL A 115 9.67 8.42 -4.19
CA VAL A 115 9.71 9.40 -5.26
C VAL A 115 10.85 9.10 -6.18
N LYS A 116 10.54 8.99 -7.46
CA LYS A 116 11.59 8.70 -8.43
C LYS A 116 12.08 10.03 -8.86
N ALA A 117 13.38 10.12 -9.13
CA ALA A 117 14.06 11.34 -9.59
C ALA A 117 13.19 12.51 -10.11
N ALA A 118 12.66 12.34 -11.31
CA ALA A 118 11.81 13.33 -11.93
C ALA A 118 10.87 14.03 -10.95
N GLU A 119 10.19 13.30 -10.08
CA GLU A 119 9.34 14.01 -9.15
C GLU A 119 10.24 14.94 -8.33
N LEU A 120 11.22 14.37 -7.62
CA LEU A 120 12.10 15.18 -6.81
C LEU A 120 12.43 16.49 -7.45
N PHE A 121 12.76 16.41 -8.73
CA PHE A 121 13.09 17.57 -9.56
C PHE A 121 11.93 18.55 -9.58
N ALA A 122 10.89 18.14 -10.28
CA ALA A 122 9.70 18.95 -10.41
C ALA A 122 9.44 19.61 -9.06
N PHE A 123 9.40 18.83 -7.98
CA PHE A 123 9.09 19.48 -6.73
C PHE A 123 9.99 20.61 -6.39
N THR A 124 11.30 20.33 -6.36
CA THR A 124 12.27 21.36 -6.05
C THR A 124 12.10 22.52 -6.99
N LEU A 125 11.94 22.22 -8.27
CA LEU A 125 11.77 23.29 -9.20
C LEU A 125 10.71 24.27 -8.70
N ARG A 126 9.53 23.76 -8.34
CA ARG A 126 8.49 24.65 -7.86
C ARG A 126 8.96 25.29 -6.57
N VAL A 127 9.43 24.50 -5.61
CA VAL A 127 9.90 25.07 -4.37
C VAL A 127 10.88 26.17 -4.69
N ARG A 128 11.62 26.01 -5.76
CA ARG A 128 12.57 27.02 -6.12
C ARG A 128 12.01 28.32 -6.69
N ALA A 129 10.91 28.29 -7.40
CA ALA A 129 10.37 29.56 -7.91
C ALA A 129 9.77 30.31 -6.72
N GLY A 130 8.90 29.62 -5.98
CA GLY A 130 8.23 30.20 -4.84
C GLY A 130 9.15 30.53 -3.69
N ASN A 131 10.39 30.07 -3.68
CA ASN A 131 11.20 30.45 -2.56
C ASN A 131 11.71 31.84 -2.81
N THR A 132 11.87 32.59 -1.72
CA THR A 132 12.35 33.97 -1.80
C THR A 132 13.48 34.24 -0.84
N ASP A 133 13.72 33.31 0.08
CA ASP A 133 14.79 33.45 1.05
C ASP A 133 16.02 32.78 0.47
N VAL A 134 16.67 33.47 -0.44
CA VAL A 134 17.83 32.91 -1.08
C VAL A 134 19.00 32.71 -0.17
N LEU A 135 19.79 31.69 -0.47
CA LEU A 135 20.97 31.44 0.31
C LEU A 135 21.78 32.70 0.17
N THR A 136 22.18 33.05 -1.04
CA THR A 136 23.00 34.25 -1.24
C THR A 136 22.87 35.31 -0.17
N ASP A 137 21.64 35.75 0.11
CA ASP A 137 21.40 36.77 1.13
C ASP A 137 22.06 36.36 2.45
N ALA A 138 22.31 35.07 2.54
CA ALA A 138 22.81 34.45 3.78
C ALA A 138 24.33 34.22 3.84
N GLU A 139 25.06 34.52 2.78
CA GLU A 139 26.52 34.22 2.75
C GLU A 139 27.15 34.30 4.13
N GLU A 140 26.57 35.05 5.05
CA GLU A 140 27.15 34.95 6.40
C GLU A 140 26.86 33.62 7.14
N ASN A 141 25.94 32.84 6.58
CA ASN A 141 25.53 31.50 7.05
C ASN A 141 26.79 30.63 7.09
N VAL A 142 27.74 31.00 6.27
CA VAL A 142 29.02 30.34 6.18
C VAL A 142 29.62 30.21 7.57
N ARG A 143 29.24 31.13 8.44
CA ARG A 143 29.73 31.15 9.81
C ARG A 143 29.51 29.78 10.49
N GLN A 144 28.29 29.28 10.37
CA GLN A 144 27.92 28.01 10.98
C GLN A 144 28.49 26.80 10.26
N LYS A 145 29.43 27.03 9.40
CA LYS A 145 29.96 25.98 8.54
C LYS A 145 31.05 25.06 9.16
N LEU A 146 31.56 25.32 10.37
CA LEU A 146 32.66 24.42 10.91
C LEU A 146 32.36 23.77 12.28
N ARG A 147 33.45 23.14 12.76
CA ARG A 147 33.57 22.35 14.03
C ARG A 147 33.15 23.09 15.29
N ALA A 148 33.20 24.42 15.24
CA ALA A 148 32.77 25.24 16.37
C ALA A 148 31.52 25.99 15.88
N GLU B 6 -6.39 24.03 3.00
CA GLU B 6 -6.41 24.08 4.49
C GLU B 6 -6.46 22.70 5.16
N GLN B 7 -5.57 21.81 4.73
CA GLN B 7 -5.52 20.47 5.33
C GLN B 7 -5.40 20.71 6.83
N SER B 8 -4.68 21.77 7.19
CA SER B 8 -4.49 22.15 8.57
C SER B 8 -5.50 21.45 9.47
N VAL B 9 -6.78 21.42 9.03
CA VAL B 9 -7.85 20.76 9.74
C VAL B 9 -7.33 19.82 10.82
N ARG B 10 -6.65 18.80 10.34
CA ARG B 10 -6.08 17.77 11.18
C ARG B 10 -5.49 18.26 12.51
N PHE B 11 -5.14 19.51 12.62
CA PHE B 11 -4.45 19.96 13.85
C PHE B 11 -5.28 20.90 14.74
N GLN B 12 -6.03 21.80 14.13
CA GLN B 12 -6.84 22.75 14.93
C GLN B 12 -6.79 22.39 16.41
N THR B 13 -7.71 21.58 16.78
CA THR B 13 -7.91 21.14 18.16
C THR B 13 -6.68 21.27 19.03
N ALA B 14 -5.66 20.47 18.75
CA ALA B 14 -4.46 20.55 19.57
C ALA B 14 -3.93 21.97 19.49
N LEU B 15 -3.65 22.44 18.28
CA LEU B 15 -3.16 23.79 18.13
C LEU B 15 -4.00 24.72 19.01
N ALA B 16 -5.28 24.80 18.67
CA ALA B 16 -6.26 25.60 19.41
C ALA B 16 -6.08 25.44 20.91
N SER B 17 -6.17 24.21 21.39
CA SER B 17 -5.99 23.97 22.80
C SER B 17 -4.68 24.61 23.22
N ILE B 18 -3.60 24.40 22.48
CA ILE B 18 -2.31 24.99 22.88
C ILE B 18 -2.52 26.46 23.23
N LYS B 19 -2.88 27.25 22.22
CA LYS B 19 -3.14 28.69 22.36
C LYS B 19 -3.76 29.02 23.73
N LEU B 20 -5.02 28.64 23.92
CA LEU B 20 -5.71 28.87 25.18
C LEU B 20 -4.84 28.52 26.38
N ILE B 21 -4.33 27.30 26.37
CA ILE B 21 -3.50 26.82 27.47
C ILE B 21 -2.51 27.89 27.79
N GLN B 22 -1.74 28.23 26.76
CA GLN B 22 -0.69 29.25 26.82
C GLN B 22 -1.24 30.51 27.45
N ALA B 23 -1.99 31.26 26.65
CA ALA B 23 -2.62 32.49 27.11
C ALA B 23 -2.90 32.35 28.60
N SER B 24 -4.03 31.75 28.94
CA SER B 24 -4.41 31.55 30.32
C SER B 24 -3.43 30.69 31.15
N ALA B 25 -3.92 29.55 31.62
CA ALA B 25 -3.19 28.58 32.46
C ALA B 25 -1.71 28.34 32.19
N VAL B 26 -1.15 27.37 32.91
CA VAL B 26 0.26 27.03 32.76
C VAL B 26 0.61 25.54 32.86
N LEU B 27 1.78 25.20 32.30
CA LEU B 27 2.30 23.85 32.23
C LEU B 27 3.37 23.56 33.28
N ASP B 28 3.53 22.28 33.64
CA ASP B 28 4.48 21.89 34.67
C ASP B 28 5.99 22.03 34.34
N LEU B 29 6.41 23.23 33.96
CA LEU B 29 7.81 23.43 33.65
C LEU B 29 8.40 24.61 34.40
N THR B 30 9.57 24.35 34.97
CA THR B 30 10.33 25.38 35.65
C THR B 30 10.73 26.40 34.60
N GLU B 31 10.73 27.65 35.00
CA GLU B 31 11.13 28.69 34.07
C GLU B 31 12.24 28.11 33.21
N ASP B 32 13.29 27.60 33.86
CA ASP B 32 14.44 27.00 33.15
C ASP B 32 14.03 25.88 32.25
N ASP B 33 13.21 24.98 32.74
CA ASP B 33 12.78 23.87 31.93
C ASP B 33 12.23 24.36 30.63
N PHE B 34 11.36 25.35 30.75
CA PHE B 34 10.74 25.93 29.58
C PHE B 34 11.86 26.45 28.65
N ASP B 35 13.07 26.44 29.20
CA ASP B 35 14.25 26.99 28.50
C ASP B 35 14.80 26.04 27.41
N PHE B 36 15.60 25.01 27.74
CA PHE B 36 16.15 24.20 26.63
C PHE B 36 15.01 23.78 25.70
N LEU B 37 13.83 23.74 26.27
CA LEU B 37 12.63 23.40 25.49
C LEU B 37 12.41 24.46 24.43
N THR B 38 12.20 25.68 24.87
CA THR B 38 11.95 26.77 23.94
C THR B 38 13.19 27.41 23.38
N SER B 39 14.28 27.43 24.16
CA SER B 39 15.54 28.06 23.71
C SER B 39 16.00 27.72 22.31
N ASN B 40 17.09 28.37 21.91
CA ASN B 40 17.63 28.12 20.60
C ASN B 40 18.98 27.45 20.69
N LYS B 41 19.38 27.05 21.89
CA LYS B 41 20.66 26.38 22.14
C LYS B 41 20.51 24.92 21.72
N VAL B 42 21.44 24.38 20.94
CA VAL B 42 21.32 22.97 20.52
C VAL B 42 21.15 21.92 21.61
N TRP B 43 20.26 20.96 21.37
CA TRP B 43 20.08 19.89 22.35
C TRP B 43 21.21 18.91 22.01
N ILE B 44 22.04 18.58 23.00
CA ILE B 44 23.13 17.60 22.85
C ILE B 44 22.67 16.23 23.31
N ALA B 45 23.44 15.22 22.91
CA ALA B 45 23.17 13.86 23.32
C ALA B 45 22.75 13.75 24.80
N THR B 46 23.60 14.18 25.73
CA THR B 46 23.27 14.10 27.16
C THR B 46 21.97 14.75 27.61
N ASP B 47 21.34 15.47 26.69
CA ASP B 47 20.11 16.19 27.03
C ASP B 47 18.87 15.36 26.85
N ARG B 48 18.81 14.64 25.76
CA ARG B 48 17.66 13.83 25.42
C ARG B 48 16.57 13.72 26.49
N SER B 49 16.87 13.02 27.59
CA SER B 49 15.89 12.86 28.68
C SER B 49 15.14 14.12 29.00
N ARG B 50 15.87 15.10 29.44
CA ARG B 50 15.27 16.38 29.76
C ARG B 50 14.40 16.84 28.59
N ALA B 51 14.97 16.83 27.39
CA ALA B 51 14.20 17.21 26.21
C ALA B 51 12.90 16.46 26.39
N ARG B 52 12.93 15.13 26.32
CA ARG B 52 11.70 14.38 26.45
C ARG B 52 10.82 14.84 27.59
N ARG B 53 11.28 14.75 28.83
CA ARG B 53 10.45 15.19 29.96
C ARG B 53 9.64 16.45 29.63
N CYS B 54 10.33 17.47 29.11
CA CYS B 54 9.65 18.70 28.80
C CYS B 54 8.70 18.57 27.64
N VAL B 55 9.17 18.05 26.51
CA VAL B 55 8.25 17.85 25.38
C VAL B 55 7.03 17.05 25.87
N GLU B 56 7.28 15.99 26.65
CA GLU B 56 6.17 15.19 27.16
C GLU B 56 5.31 16.11 28.03
N ALA B 57 5.98 16.80 28.95
CA ALA B 57 5.25 17.70 29.85
C ALA B 57 4.19 18.51 29.11
N CYS B 58 4.57 19.16 28.03
CA CYS B 58 3.63 19.99 27.34
C CYS B 58 2.47 19.22 26.77
N VAL B 59 2.75 18.07 26.15
CA VAL B 59 1.67 17.30 25.58
C VAL B 59 0.54 17.05 26.58
N TYR B 60 0.87 16.42 27.69
CA TYR B 60 -0.17 16.14 28.66
C TYR B 60 -0.95 17.42 28.93
N GLY B 61 -0.25 18.54 28.95
CA GLY B 61 -0.96 19.77 29.22
C GLY B 61 -2.07 20.02 28.22
N THR B 62 -1.64 20.27 27.01
CA THR B 62 -2.53 20.52 25.90
C THR B 62 -3.64 19.53 25.92
N LEU B 63 -3.30 18.35 26.38
CA LEU B 63 -4.27 17.28 26.45
C LEU B 63 -5.29 17.42 27.57
N ASP B 64 -4.84 17.74 28.77
CA ASP B 64 -5.79 17.87 29.85
C ASP B 64 -6.76 19.02 29.55
N PHE B 65 -6.20 20.15 29.17
CA PHE B 65 -7.00 21.33 28.88
C PHE B 65 -8.22 21.04 28.07
N VAL B 66 -8.14 19.96 27.30
CA VAL B 66 -9.21 19.63 26.41
C VAL B 66 -10.07 18.43 26.74
N GLY B 67 -9.72 17.73 27.80
CA GLY B 67 -10.53 16.61 28.21
C GLY B 67 -10.20 15.26 27.62
N TYR B 68 -9.03 15.18 27.02
CA TYR B 68 -8.61 13.94 26.45
C TYR B 68 -7.88 13.16 27.53
N PRO B 69 -7.79 11.85 27.35
CA PRO B 69 -7.11 10.98 28.30
C PRO B 69 -5.64 11.17 28.01
N ARG B 70 -4.85 11.15 29.07
CA ARG B 70 -3.45 11.38 28.91
C ARG B 70 -2.71 10.23 28.23
N PHE B 71 -3.31 9.05 28.22
CA PHE B 71 -2.61 7.87 27.70
C PHE B 71 -2.30 7.93 26.20
N PRO B 72 -3.09 7.34 25.29
CA PRO B 72 -2.73 7.36 23.89
C PRO B 72 -2.68 8.78 23.38
N ALA B 73 -1.66 9.51 23.81
CA ALA B 73 -1.45 10.89 23.32
C ALA B 73 -1.41 10.81 21.82
N PRO B 74 -2.29 11.55 21.15
CA PRO B 74 -2.42 11.60 19.69
C PRO B 74 -1.19 12.10 18.98
N VAL B 75 -0.92 11.54 17.80
CA VAL B 75 0.27 11.98 17.10
C VAL B 75 0.11 13.43 16.83
N GLU B 76 -0.99 13.76 16.14
CA GLU B 76 -1.28 15.15 15.78
C GLU B 76 -0.97 16.09 16.91
N PHE B 77 -1.28 15.67 18.11
CA PHE B 77 -1.01 16.53 19.24
C PHE B 77 0.48 16.71 19.43
N ILE B 78 1.18 15.62 19.70
CA ILE B 78 2.62 15.63 19.89
C ILE B 78 3.31 16.47 18.84
N ALA B 79 2.77 16.48 17.61
CA ALA B 79 3.35 17.28 16.56
C ALA B 79 3.14 18.73 16.95
N ALA B 80 1.89 19.16 16.86
CA ALA B 80 1.53 20.52 17.20
C ALA B 80 2.44 21.02 18.32
N VAL B 81 2.52 20.27 19.41
CA VAL B 81 3.34 20.68 20.54
C VAL B 81 4.76 20.89 20.14
N ILE B 82 5.41 19.86 19.60
CA ILE B 82 6.81 20.02 19.17
C ILE B 82 6.85 21.29 18.32
N ALA B 83 6.02 21.27 17.30
CA ALA B 83 5.86 22.34 16.35
C ALA B 83 5.77 23.71 16.98
N TYR B 84 4.95 23.85 18.03
CA TYR B 84 4.79 25.15 18.68
C TYR B 84 5.94 25.55 19.62
N TYR B 85 6.26 24.69 20.58
CA TYR B 85 7.24 25.03 21.63
C TYR B 85 8.72 24.84 21.22
N VAL B 86 9.08 23.66 20.75
CA VAL B 86 10.49 23.38 20.39
C VAL B 86 10.98 24.30 19.29
N HIS B 87 12.20 24.77 19.45
CA HIS B 87 12.77 25.70 18.51
C HIS B 87 13.21 25.00 17.24
N PRO B 88 13.19 25.67 16.09
CA PRO B 88 13.59 25.05 14.84
C PRO B 88 14.87 24.26 14.93
N VAL B 89 15.89 24.86 15.51
CA VAL B 89 17.15 24.16 15.64
C VAL B 89 17.02 22.79 16.28
N ASN B 90 16.06 22.60 17.20
CA ASN B 90 15.88 21.29 17.86
C ASN B 90 14.72 20.38 17.37
N ILE B 91 13.90 20.86 16.45
CA ILE B 91 12.73 20.12 15.92
C ILE B 91 13.01 18.69 15.54
N GLN B 92 14.07 18.50 14.75
CA GLN B 92 14.41 17.17 14.32
C GLN B 92 14.65 16.29 15.55
N THR B 93 15.77 16.51 16.22
CA THR B 93 16.05 15.70 17.37
C THR B 93 14.81 15.61 18.29
N ALA B 94 14.05 16.69 18.42
CA ALA B 94 12.90 16.64 19.28
C ALA B 94 12.02 15.52 18.79
N CYS B 95 11.94 15.36 17.48
CA CYS B 95 11.14 14.31 16.88
C CYS B 95 11.71 12.95 17.32
N LEU B 96 12.97 12.69 16.97
CA LEU B 96 13.73 11.48 17.34
C LEU B 96 13.44 10.98 18.74
N ILE B 97 13.31 11.92 19.64
CA ILE B 97 13.11 11.57 21.01
C ILE B 97 11.69 11.11 21.24
N MET B 98 10.71 11.75 20.62
CA MET B 98 9.36 11.29 20.86
C MET B 98 9.16 9.96 20.14
N GLU B 99 10.17 9.50 19.41
CA GLU B 99 10.04 8.25 18.68
C GLU B 99 9.90 7.07 19.58
N GLY B 100 8.86 6.28 19.33
CA GLY B 100 8.62 5.11 20.14
C GLY B 100 8.16 5.49 21.52
N ALA B 101 8.16 6.78 21.81
CA ALA B 101 7.74 7.24 23.12
C ALA B 101 6.56 6.34 23.55
N GLU B 102 6.59 5.97 24.82
CA GLU B 102 5.66 4.99 25.41
C GLU B 102 4.17 5.39 25.41
N PHE B 103 3.84 6.66 25.29
CA PHE B 103 2.41 7.05 25.39
C PHE B 103 1.70 7.19 24.05
N THR B 104 2.43 7.60 23.04
CA THR B 104 1.83 7.72 21.71
C THR B 104 1.73 6.35 21.09
N GLU B 105 0.81 6.20 20.15
CA GLU B 105 0.61 4.90 19.54
C GLU B 105 -0.10 5.09 18.23
N ASN B 106 0.70 5.04 17.16
CA ASN B 106 0.21 5.21 15.80
C ASN B 106 -0.64 4.03 15.41
N ILE B 107 -1.88 4.27 14.99
CA ILE B 107 -2.70 3.14 14.60
C ILE B 107 -2.88 3.23 13.11
N ILE B 108 -2.91 2.07 12.45
CA ILE B 108 -3.10 1.98 11.00
C ILE B 108 -3.87 0.69 10.67
N ASN B 109 -5.12 0.83 10.22
CA ASN B 109 -5.94 -0.34 9.89
C ASN B 109 -5.96 -1.28 11.07
N GLY B 110 -6.15 -0.69 12.26
CA GLY B 110 -6.21 -1.47 13.48
C GLY B 110 -4.85 -2.05 13.83
N VAL B 111 -3.84 -1.20 13.83
CA VAL B 111 -2.51 -1.67 14.13
C VAL B 111 -1.77 -0.68 14.99
N GLU B 112 -1.68 -0.99 16.26
CA GLU B 112 -0.96 -0.12 17.14
C GLU B 112 0.53 -0.46 17.07
N ARG B 113 1.21 0.38 16.32
CA ARG B 113 2.65 0.32 16.16
C ARG B 113 3.19 1.59 16.77
N PRO B 114 4.35 1.61 17.40
CA PRO B 114 4.84 2.81 18.00
C PRO B 114 5.11 3.96 17.01
N VAL B 115 5.27 5.17 17.53
CA VAL B 115 5.45 6.32 16.65
C VAL B 115 6.80 6.33 16.00
N LYS B 116 6.79 6.40 14.68
CA LYS B 116 8.03 6.38 13.92
C LYS B 116 8.58 7.78 13.73
N ALA B 117 9.83 7.97 14.12
CA ALA B 117 10.48 9.29 14.01
C ALA B 117 10.12 10.02 12.74
N ALA B 118 10.66 9.56 11.64
CA ALA B 118 10.39 10.20 10.38
C ALA B 118 8.94 10.63 10.21
N GLU B 119 7.95 9.86 10.69
CA GLU B 119 6.59 10.32 10.51
C GLU B 119 6.28 11.54 11.40
N LEU B 120 6.61 11.48 12.69
CA LEU B 120 6.44 12.62 13.61
C LEU B 120 6.96 13.89 12.92
N PHE B 121 8.22 13.86 12.49
CA PHE B 121 8.81 15.01 11.81
C PHE B 121 7.88 15.46 10.72
N ALA B 122 7.66 14.59 9.72
CA ALA B 122 6.78 14.90 8.59
C ALA B 122 5.56 15.64 9.09
N PHE B 123 4.85 15.03 10.03
CA PHE B 123 3.67 15.64 10.62
C PHE B 123 3.92 17.10 10.99
N THR B 124 4.74 17.25 12.01
CA THR B 124 5.06 18.57 12.52
C THR B 124 5.52 19.48 11.38
N LEU B 125 6.33 18.98 10.47
CA LEU B 125 6.76 19.78 9.35
C LEU B 125 5.55 20.50 8.79
N ARG B 126 4.51 19.75 8.42
CA ARG B 126 3.31 20.38 7.90
C ARG B 126 2.66 21.26 8.96
N VAL B 127 2.30 20.68 10.11
CA VAL B 127 1.64 21.45 11.19
C VAL B 127 2.24 22.83 11.20
N ARG B 128 3.56 22.91 11.17
CA ARG B 128 4.30 24.14 11.24
C ARG B 128 4.13 25.09 10.02
N ALA B 129 3.23 24.73 9.10
CA ALA B 129 3.01 25.62 7.98
C ALA B 129 1.82 26.58 8.23
N GLY B 130 1.19 26.42 9.38
CA GLY B 130 0.14 27.33 9.84
C GLY B 130 0.86 28.40 10.67
N ASN B 131 1.96 28.78 10.05
CA ASN B 131 3.04 29.66 10.58
C ASN B 131 2.61 30.97 11.27
N THR B 132 1.57 31.66 10.81
CA THR B 132 1.20 32.96 11.44
C THR B 132 1.29 32.83 12.95
N ASP B 133 0.54 31.85 13.46
CA ASP B 133 0.48 31.55 14.87
C ASP B 133 1.68 30.73 15.28
N VAL B 134 2.67 30.72 14.42
CA VAL B 134 3.85 29.97 14.74
C VAL B 134 4.98 30.97 14.95
N LEU B 135 4.55 32.09 15.48
CA LEU B 135 5.39 33.22 15.87
C LEU B 135 5.28 33.36 17.38
N THR B 136 5.97 32.48 18.08
CA THR B 136 5.94 32.45 19.54
C THR B 136 6.65 33.66 20.10
N ASP B 137 5.82 34.53 20.67
CA ASP B 137 6.23 35.79 21.29
C ASP B 137 6.47 35.64 22.75
N ALA B 138 7.50 36.33 23.24
CA ALA B 138 7.80 36.32 24.65
C ALA B 138 6.84 37.31 25.29
N GLU B 139 6.63 38.42 24.58
CA GLU B 139 5.75 39.50 25.03
C GLU B 139 5.17 40.15 23.77
N GLU B 140 5.96 40.05 22.72
CA GLU B 140 5.69 40.63 21.41
C GLU B 140 5.18 39.63 20.37
N THR C 5 -11.07 7.43 -8.40
CA THR C 5 -9.93 6.48 -8.10
C THR C 5 -10.45 5.19 -7.40
N GLU C 6 -10.42 5.23 -6.08
CA GLU C 6 -10.89 4.14 -5.26
C GLU C 6 -12.15 4.63 -4.53
N GLN C 7 -13.13 3.75 -4.46
CA GLN C 7 -14.37 4.05 -3.79
C GLN C 7 -14.73 2.76 -3.05
N SER C 8 -13.97 2.51 -2.01
CA SER C 8 -14.17 1.34 -1.19
C SER C 8 -15.58 1.39 -0.67
N VAL C 9 -16.16 0.24 -0.42
CA VAL C 9 -17.49 0.16 0.11
C VAL C 9 -17.50 1.07 1.33
N ARG C 10 -16.39 1.02 2.04
CA ARG C 10 -16.16 1.78 3.26
C ARG C 10 -16.54 3.23 3.05
N PHE C 11 -15.87 3.82 2.11
CA PHE C 11 -16.06 5.20 1.78
C PHE C 11 -17.39 5.47 1.17
N GLN C 12 -17.77 4.63 0.23
CA GLN C 12 -19.02 4.84 -0.43
C GLN C 12 -20.18 4.84 0.53
N THR C 13 -20.18 3.99 1.54
CA THR C 13 -21.31 4.05 2.44
C THR C 13 -21.26 5.34 3.25
N ALA C 14 -20.05 5.78 3.51
CA ALA C 14 -19.83 7.04 4.21
C ALA C 14 -20.65 8.11 3.49
N LEU C 15 -20.34 8.21 2.21
CA LEU C 15 -20.99 9.14 1.29
C LEU C 15 -22.50 9.00 1.40
N ALA C 16 -22.98 7.78 1.18
CA ALA C 16 -24.40 7.49 1.24
C ALA C 16 -24.97 7.95 2.56
N SER C 17 -24.17 7.90 3.61
CA SER C 17 -24.62 8.35 4.91
C SER C 17 -24.83 9.85 4.77
N ILE C 18 -23.76 10.55 4.39
CA ILE C 18 -23.82 11.99 4.19
C ILE C 18 -25.16 12.40 3.64
N LYS C 19 -25.58 11.78 2.56
CA LYS C 19 -26.86 12.12 1.98
C LYS C 19 -27.95 11.72 2.97
N LEU C 20 -27.98 10.46 3.40
CA LEU C 20 -29.00 9.99 4.34
C LEU C 20 -29.37 11.13 5.29
N ILE C 21 -28.38 11.91 5.72
CA ILE C 21 -28.59 13.03 6.64
C ILE C 21 -29.16 14.25 5.97
N GLN C 22 -28.46 14.78 4.98
CA GLN C 22 -28.97 15.94 4.30
C GLN C 22 -30.50 15.93 4.29
N ALA C 23 -31.10 14.77 4.02
CA ALA C 23 -32.56 14.67 3.95
C ALA C 23 -33.18 14.65 5.34
N SER C 24 -32.89 13.61 6.09
CA SER C 24 -33.38 13.55 7.46
C SER C 24 -32.76 14.72 8.21
N ALA C 25 -33.56 15.75 8.38
CA ALA C 25 -33.10 16.98 9.03
C ALA C 25 -33.40 16.95 10.50
N VAL C 26 -34.52 16.32 10.83
CA VAL C 26 -35.00 16.22 12.19
C VAL C 26 -33.95 15.89 13.26
N LEU C 27 -33.54 16.93 14.00
CA LEU C 27 -32.58 16.81 15.08
C LEU C 27 -33.34 17.09 16.34
N ASP C 28 -32.67 16.90 17.48
CA ASP C 28 -33.28 17.15 18.77
C ASP C 28 -32.34 18.11 19.47
N LEU C 29 -32.07 19.21 18.83
CA LEU C 29 -31.20 20.18 19.46
C LEU C 29 -31.85 21.56 19.53
N THR C 30 -31.56 22.22 20.63
CA THR C 30 -31.98 23.59 20.84
C THR C 30 -31.11 24.45 19.96
N GLU C 31 -31.69 25.48 19.41
CA GLU C 31 -30.93 26.37 18.55
C GLU C 31 -29.50 26.44 19.08
N ASP C 32 -29.36 26.73 20.37
CA ASP C 32 -28.07 26.82 21.04
C ASP C 32 -27.21 25.58 20.99
N ASP C 33 -27.82 24.46 21.28
CA ASP C 33 -27.07 23.23 21.25
C ASP C 33 -26.47 23.15 19.88
N PHE C 34 -27.34 23.37 18.89
CA PHE C 34 -26.93 23.31 17.50
C PHE C 34 -25.88 24.36 17.35
N ASP C 35 -26.04 25.41 18.14
CA ASP C 35 -25.07 26.45 18.00
C ASP C 35 -23.61 26.06 18.26
N PHE C 36 -23.22 25.47 19.36
CA PHE C 36 -21.78 25.18 19.42
C PHE C 36 -21.49 23.82 18.78
N LEU C 37 -22.49 22.95 18.66
CA LEU C 37 -22.25 21.70 17.91
C LEU C 37 -21.56 22.11 16.63
N THR C 38 -22.17 23.09 16.01
CA THR C 38 -21.67 23.62 14.75
C THR C 38 -20.61 24.73 14.98
N SER C 39 -20.78 25.45 16.07
CA SER C 39 -19.89 26.59 16.43
C SER C 39 -18.40 26.30 16.13
N ASN C 40 -17.64 27.38 16.11
CA ASN C 40 -16.19 27.34 15.83
C ASN C 40 -15.38 27.60 17.09
N LYS C 41 -16.08 27.82 18.19
CA LYS C 41 -15.38 28.06 19.45
C LYS C 41 -14.91 26.67 19.92
N VAL C 42 -13.65 26.53 20.35
CA VAL C 42 -13.14 25.21 20.80
C VAL C 42 -13.88 24.53 21.95
N TRP C 43 -14.01 23.21 21.88
CA TRP C 43 -14.66 22.51 22.95
C TRP C 43 -13.66 22.27 24.07
N ILE C 44 -13.98 22.72 25.26
CA ILE C 44 -13.06 22.45 26.35
C ILE C 44 -13.50 21.33 27.29
N ALA C 45 -12.51 20.84 28.03
CA ALA C 45 -12.66 19.75 28.97
C ALA C 45 -14.03 19.67 29.64
N THR C 46 -14.47 20.77 30.15
CA THR C 46 -15.72 20.80 30.91
C THR C 46 -16.95 20.75 30.04
N ASP C 47 -16.77 20.62 28.74
CA ASP C 47 -17.93 20.61 27.89
C ASP C 47 -18.27 19.23 27.42
N ARG C 48 -17.23 18.44 27.21
CA ARG C 48 -17.41 17.14 26.63
C ARG C 48 -18.81 16.65 26.59
N SER C 49 -19.41 16.54 27.78
CA SER C 49 -20.78 16.07 27.89
C SER C 49 -21.65 16.68 26.75
N ARG C 50 -21.84 17.98 26.84
CA ARG C 50 -22.62 18.69 25.87
C ARG C 50 -22.22 18.19 24.54
N ALA C 51 -20.92 18.28 24.28
CA ALA C 51 -20.43 17.82 23.02
C ALA C 51 -21.08 16.46 22.76
N ARG C 52 -20.72 15.45 23.54
CA ARG C 52 -21.31 14.18 23.28
C ARG C 52 -22.80 14.36 22.99
N ARG C 53 -23.55 14.72 24.00
CA ARG C 53 -24.97 14.91 23.84
C ARG C 53 -25.39 15.31 22.42
N CYS C 54 -24.85 16.40 21.93
CA CYS C 54 -25.21 16.87 20.60
C CYS C 54 -24.72 15.92 19.53
N VAL C 55 -23.44 15.70 19.55
CA VAL C 55 -22.85 14.79 18.58
C VAL C 55 -23.77 13.61 18.47
N GLU C 56 -24.00 12.94 19.58
CA GLU C 56 -24.89 11.79 19.60
C GLU C 56 -26.19 12.17 18.91
N ALA C 57 -26.82 13.20 19.46
CA ALA C 57 -28.07 13.72 18.99
C ALA C 57 -28.19 13.67 17.48
N CYS C 58 -27.11 14.04 16.79
CA CYS C 58 -27.14 14.01 15.34
C CYS C 58 -27.01 12.59 14.88
N VAL C 59 -26.05 11.90 15.45
CA VAL C 59 -25.84 10.51 15.14
C VAL C 59 -27.17 9.75 15.26
N TYR C 60 -27.79 9.87 16.43
CA TYR C 60 -29.04 9.18 16.71
C TYR C 60 -30.28 9.78 16.02
N GLY C 61 -30.19 11.04 15.65
CA GLY C 61 -31.28 11.74 14.91
C GLY C 61 -32.69 11.52 15.49
N THR C 62 -33.62 11.33 14.56
CA THR C 62 -35.07 11.17 14.84
C THR C 62 -35.33 10.13 15.92
N LEU C 63 -34.50 9.10 15.94
CA LEU C 63 -34.61 8.06 16.98
C LEU C 63 -34.76 8.77 18.32
N ASP C 64 -33.96 9.81 18.45
CA ASP C 64 -33.86 10.63 19.65
C ASP C 64 -34.91 11.76 19.67
N PHE C 65 -35.36 12.16 18.49
CA PHE C 65 -36.39 13.20 18.39
C PHE C 65 -37.65 12.66 19.05
N VAL C 66 -38.11 11.56 18.49
CA VAL C 66 -39.22 10.82 19.09
C VAL C 66 -38.65 10.21 20.35
N GLY C 67 -39.29 9.20 20.86
CA GLY C 67 -38.85 8.61 22.10
C GLY C 67 -38.11 7.26 21.92
N TYR C 68 -37.94 6.81 20.67
CA TYR C 68 -37.27 5.53 20.40
C TYR C 68 -35.92 5.27 21.05
N PRO C 69 -35.60 4.00 21.30
CA PRO C 69 -34.36 3.50 21.90
C PRO C 69 -33.33 3.55 20.79
N ARG C 70 -32.07 3.42 21.12
CA ARG C 70 -30.98 3.56 20.14
C ARG C 70 -30.38 2.22 19.66
N PHE C 71 -29.65 2.33 18.56
CA PHE C 71 -28.82 1.23 18.02
C PHE C 71 -27.39 1.69 17.80
N PRO C 72 -26.39 0.87 18.08
CA PRO C 72 -25.04 1.27 17.78
C PRO C 72 -25.01 1.49 16.30
N ALA C 73 -24.45 2.62 15.90
CA ALA C 73 -24.44 2.99 14.47
C ALA C 73 -23.15 2.63 13.80
N PRO C 74 -23.21 2.19 12.55
CA PRO C 74 -22.00 1.83 11.80
C PRO C 74 -21.08 3.04 11.90
N VAL C 75 -19.77 2.84 11.95
CA VAL C 75 -18.76 3.93 12.06
C VAL C 75 -18.95 4.95 10.95
N GLU C 76 -18.93 4.44 9.73
CA GLU C 76 -19.09 5.24 8.54
C GLU C 76 -20.13 6.33 8.78
N PHE C 77 -21.23 6.00 9.45
CA PHE C 77 -22.27 7.01 9.74
C PHE C 77 -21.66 8.08 10.69
N ILE C 78 -21.32 7.66 11.92
CA ILE C 78 -20.72 8.53 12.92
C ILE C 78 -19.82 9.52 12.25
N ALA C 79 -19.06 9.03 11.28
CA ALA C 79 -18.10 9.87 10.55
C ALA C 79 -18.86 10.96 9.85
N ALA C 80 -19.58 10.59 8.80
CA ALA C 80 -20.36 11.56 8.05
C ALA C 80 -20.95 12.58 9.02
N VAL C 81 -21.67 12.10 10.03
CA VAL C 81 -22.26 13.02 10.97
C VAL C 81 -21.18 13.95 11.47
N ILE C 82 -20.24 13.46 12.28
CA ILE C 82 -19.16 14.31 12.77
C ILE C 82 -18.74 15.22 11.62
N ALA C 83 -18.29 14.60 10.55
CA ALA C 83 -17.84 15.27 9.36
C ALA C 83 -18.71 16.42 8.83
N TYR C 84 -20.02 16.26 8.91
CA TYR C 84 -20.95 17.27 8.42
C TYR C 84 -21.24 18.39 9.43
N TYR C 85 -21.58 18.06 10.66
CA TYR C 85 -21.91 19.10 11.65
C TYR C 85 -20.76 19.73 12.40
N VAL C 86 -19.92 18.92 13.02
CA VAL C 86 -18.85 19.49 13.81
C VAL C 86 -17.85 20.28 12.99
N HIS C 87 -17.32 21.34 13.56
CA HIS C 87 -16.36 22.22 12.88
C HIS C 87 -14.94 21.69 12.96
N PRO C 88 -14.12 21.96 11.96
CA PRO C 88 -12.75 21.47 12.01
C PRO C 88 -12.10 21.65 13.36
N VAL C 89 -12.24 22.83 13.95
CA VAL C 89 -11.58 23.02 15.23
C VAL C 89 -11.94 21.96 16.25
N ASN C 90 -13.14 21.42 16.14
CA ASN C 90 -13.56 20.38 17.09
C ASN C 90 -13.70 18.94 16.58
N ILE C 91 -13.41 18.69 15.31
CA ILE C 91 -13.53 17.33 14.78
C ILE C 91 -12.79 16.30 15.64
N GLN C 92 -11.52 16.59 15.90
CA GLN C 92 -10.73 15.68 16.71
C GLN C 92 -11.38 15.25 18.01
N THR C 93 -11.58 16.20 18.94
CA THR C 93 -12.21 15.88 20.21
C THR C 93 -13.57 15.35 19.94
N ALA C 94 -14.11 15.75 18.81
CA ALA C 94 -15.44 15.31 18.44
C ALA C 94 -15.42 13.80 18.39
N CYS C 95 -14.35 13.27 17.82
CA CYS C 95 -14.26 11.84 17.66
C CYS C 95 -13.90 11.17 18.98
N LEU C 96 -12.86 11.65 19.66
CA LEU C 96 -12.48 11.04 20.94
C LEU C 96 -13.76 10.77 21.69
N ILE C 97 -14.69 11.71 21.56
CA ILE C 97 -15.98 11.63 22.22
C ILE C 97 -16.74 10.40 21.80
N MET C 98 -16.64 10.10 20.52
CA MET C 98 -17.39 8.98 19.99
C MET C 98 -16.75 7.58 20.03
N GLU C 99 -15.43 7.49 19.84
CA GLU C 99 -14.70 6.21 19.84
C GLU C 99 -15.67 4.99 19.77
N GLY C 100 -15.08 3.85 20.15
CA GLY C 100 -15.72 2.51 20.36
C GLY C 100 -16.64 1.94 19.23
N ALA C 101 -16.88 2.65 18.15
CA ALA C 101 -17.81 2.13 17.09
C ALA C 101 -17.12 1.20 16.15
N GLU C 102 -17.93 0.43 15.45
CA GLU C 102 -17.43 -0.58 14.52
C GLU C 102 -17.75 -0.30 13.07
N PHE C 103 -16.75 -0.49 12.21
CA PHE C 103 -16.92 -0.28 10.79
C PHE C 103 -18.06 -1.20 10.32
N THR C 104 -18.70 -0.84 9.21
CA THR C 104 -19.78 -1.65 8.73
C THR C 104 -19.36 -3.10 8.52
N GLU C 105 -18.24 -3.30 7.82
CA GLU C 105 -17.71 -4.65 7.54
C GLU C 105 -17.92 -5.53 8.78
N ASN C 106 -17.00 -5.45 9.74
CA ASN C 106 -17.09 -6.22 10.97
C ASN C 106 -18.48 -6.32 11.60
N ILE C 107 -19.45 -5.55 11.11
CA ILE C 107 -20.77 -5.65 11.70
C ILE C 107 -21.47 -6.83 11.06
N ILE C 108 -21.27 -6.94 9.77
CA ILE C 108 -21.83 -8.03 9.02
C ILE C 108 -21.08 -9.37 9.22
N ASN C 109 -19.88 -9.32 9.77
CA ASN C 109 -19.03 -10.54 9.90
C ASN C 109 -18.84 -11.03 11.34
N GLY C 110 -19.62 -10.51 12.25
CA GLY C 110 -19.53 -10.93 13.67
C GLY C 110 -18.12 -10.68 14.20
N VAL C 111 -17.29 -10.04 13.40
CA VAL C 111 -15.95 -9.78 13.87
C VAL C 111 -15.94 -8.44 14.59
N GLU C 112 -16.26 -8.43 15.88
CA GLU C 112 -16.24 -7.17 16.53
C GLU C 112 -14.82 -6.65 16.66
N ARG C 113 -14.60 -5.59 15.92
CA ARG C 113 -13.33 -4.88 15.91
C ARG C 113 -13.65 -3.42 16.16
N PRO C 114 -13.92 -3.05 17.42
CA PRO C 114 -14.27 -1.68 17.74
C PRO C 114 -13.18 -0.71 17.38
N VAL C 115 -13.52 0.25 16.51
CA VAL C 115 -12.59 1.27 16.07
C VAL C 115 -12.30 2.24 17.22
N LYS C 116 -11.01 2.50 17.44
CA LYS C 116 -10.57 3.41 18.49
C LYS C 116 -10.76 4.81 17.96
N ALA C 117 -10.49 5.78 18.83
CA ALA C 117 -10.60 7.19 18.45
C ALA C 117 -9.94 7.45 17.10
N ALA C 118 -8.62 7.39 17.10
CA ALA C 118 -7.83 7.64 15.91
C ALA C 118 -8.42 7.18 14.59
N GLU C 119 -8.97 5.97 14.57
CA GLU C 119 -9.51 5.50 13.31
C GLU C 119 -10.70 6.34 12.95
N LEU C 120 -11.62 6.57 13.89
CA LEU C 120 -12.77 7.37 13.60
C LEU C 120 -12.40 8.66 12.94
N PHE C 121 -11.36 9.28 13.47
CA PHE C 121 -10.86 10.55 12.95
C PHE C 121 -10.41 10.34 11.53
N ALA C 122 -9.40 9.50 11.37
CA ALA C 122 -8.90 9.22 10.05
C ALA C 122 -10.07 9.06 9.10
N PHE C 123 -11.01 8.16 9.43
CA PHE C 123 -12.09 7.96 8.51
C PHE C 123 -12.83 9.24 8.20
N THR C 124 -13.31 9.95 9.24
CA THR C 124 -14.06 11.18 9.03
C THR C 124 -13.24 12.14 8.23
N LEU C 125 -11.97 12.22 8.53
CA LEU C 125 -11.16 13.13 7.78
C LEU C 125 -11.30 12.87 6.30
N ARG C 126 -11.24 11.61 5.90
CA ARG C 126 -11.36 11.31 4.48
C ARG C 126 -12.77 11.54 4.02
N VAL C 127 -13.74 11.10 4.80
CA VAL C 127 -15.10 11.30 4.42
C VAL C 127 -15.28 12.79 4.20
N ARG C 128 -14.59 13.58 4.98
CA ARG C 128 -14.68 15.02 4.82
C ARG C 128 -14.05 15.59 3.55
N ALA C 129 -13.38 14.78 2.76
CA ALA C 129 -12.77 15.26 1.51
C ALA C 129 -13.75 15.07 0.33
N GLY C 130 -14.97 14.73 0.70
CA GLY C 130 -16.10 14.59 -0.24
C GLY C 130 -17.04 15.75 0.08
N ASN C 131 -16.37 16.88 0.17
CA ASN C 131 -16.92 18.18 0.61
C ASN C 131 -17.90 18.86 -0.35
N THR C 132 -17.91 18.52 -1.61
CA THR C 132 -18.86 19.16 -2.53
C THR C 132 -20.26 19.03 -1.95
N ASP C 133 -20.61 17.78 -1.70
CA ASP C 133 -21.91 17.42 -1.13
C ASP C 133 -21.97 17.75 0.34
N VAL C 134 -21.15 18.69 0.76
CA VAL C 134 -21.11 19.07 2.16
C VAL C 134 -21.25 20.59 2.21
N LEU C 135 -22.36 21.04 1.65
CA LEU C 135 -22.67 22.48 1.59
C LEU C 135 -24.00 22.76 2.34
N THR C 136 -23.86 22.87 3.66
CA THR C 136 -24.94 23.05 4.68
C THR C 136 -26.13 23.94 4.26
N ASP C 137 -27.26 23.65 4.94
CA ASP C 137 -28.58 24.32 4.76
C ASP C 137 -29.06 24.97 6.06
N ALA C 138 -29.84 26.03 5.90
CA ALA C 138 -30.39 26.74 7.05
C ALA C 138 -31.70 26.07 7.46
N GLU C 139 -32.07 25.10 6.64
CA GLU C 139 -33.23 24.26 6.92
C GLU C 139 -32.85 23.37 8.08
N GLU C 140 -31.54 23.18 8.16
CA GLU C 140 -30.92 22.46 9.27
C GLU C 140 -31.45 23.13 10.52
N ASN C 141 -31.25 24.44 10.49
CA ASN C 141 -31.70 25.36 11.53
C ASN C 141 -33.17 25.64 11.32
N VAL C 142 -34.01 24.69 11.66
CA VAL C 142 -35.46 24.79 11.52
C VAL C 142 -36.02 23.75 12.49
N ARG C 143 -35.12 22.96 13.04
CA ARG C 143 -35.51 21.91 13.97
C ARG C 143 -35.13 22.24 15.41
N GLN C 144 -36.12 22.09 16.30
CA GLN C 144 -35.96 22.33 17.74
C GLN C 144 -36.56 21.16 18.53
N GLN D 7 -38.90 -17.88 -14.54
CA GLN D 7 -39.41 -16.83 -13.58
C GLN D 7 -38.27 -16.38 -12.66
N SER D 8 -37.22 -15.83 -13.26
CA SER D 8 -36.09 -15.38 -12.49
C SER D 8 -35.93 -13.87 -12.61
N VAL D 9 -36.12 -13.27 -11.48
CA VAL D 9 -35.96 -11.84 -11.27
C VAL D 9 -35.43 -11.68 -9.88
N ARG D 10 -34.20 -11.28 -9.82
CA ARG D 10 -33.51 -11.14 -8.56
C ARG D 10 -34.31 -10.26 -7.61
N PHE D 11 -34.51 -10.78 -6.41
CA PHE D 11 -35.25 -10.11 -5.37
C PHE D 11 -35.01 -8.64 -5.43
N GLN D 12 -33.76 -8.30 -5.68
CA GLN D 12 -33.41 -6.91 -5.74
C GLN D 12 -34.15 -6.14 -6.83
N THR D 13 -33.98 -6.53 -8.08
CA THR D 13 -34.67 -5.84 -9.16
C THR D 13 -36.17 -5.85 -9.00
N ALA D 14 -36.72 -6.85 -8.33
CA ALA D 14 -38.16 -6.83 -8.15
C ALA D 14 -38.46 -5.46 -7.55
N LEU D 15 -37.86 -5.17 -6.39
CA LEU D 15 -38.02 -3.90 -5.72
C LEU D 15 -37.93 -2.75 -6.69
N ALA D 16 -36.72 -2.43 -7.11
CA ALA D 16 -36.49 -1.32 -8.03
C ALA D 16 -37.51 -1.26 -9.15
N SER D 17 -37.99 -2.41 -9.60
CA SER D 17 -38.98 -2.46 -10.66
C SER D 17 -40.27 -1.98 -10.08
N ILE D 18 -40.80 -2.74 -9.12
CA ILE D 18 -42.03 -2.43 -8.43
C ILE D 18 -42.06 -0.94 -8.10
N LYS D 19 -40.95 -0.39 -7.62
CA LYS D 19 -40.91 1.03 -7.27
C LYS D 19 -40.85 1.93 -8.52
N LEU D 20 -39.93 1.65 -9.42
CA LEU D 20 -39.82 2.44 -10.64
C LEU D 20 -41.20 2.68 -11.26
N ILE D 21 -42.15 1.82 -10.95
CA ILE D 21 -43.44 1.98 -11.53
C ILE D 21 -44.54 2.06 -10.49
N GLN D 22 -44.14 2.51 -9.30
CA GLN D 22 -45.04 2.62 -8.16
C GLN D 22 -46.22 1.72 -8.40
N ALA D 23 -46.06 0.47 -7.97
CA ALA D 23 -47.05 -0.56 -8.14
C ALA D 23 -47.48 -1.15 -6.81
N SER D 24 -47.87 -0.29 -5.89
CA SER D 24 -48.33 -0.76 -4.59
C SER D 24 -49.16 -2.04 -4.73
N ALA D 25 -50.02 -2.03 -5.72
CA ALA D 25 -50.91 -3.16 -5.97
C ALA D 25 -50.12 -4.45 -6.00
N VAL D 26 -49.01 -4.46 -6.74
CA VAL D 26 -48.20 -5.64 -6.83
C VAL D 26 -47.98 -6.13 -5.43
N LEU D 27 -47.72 -5.22 -4.50
CA LEU D 27 -47.52 -5.60 -3.11
C LEU D 27 -48.90 -5.65 -2.49
N ASP D 28 -49.03 -5.21 -1.26
CA ASP D 28 -50.34 -5.23 -0.64
C ASP D 28 -50.55 -4.00 0.18
N LEU D 29 -50.40 -2.86 -0.46
CA LEU D 29 -50.57 -1.65 0.29
C LEU D 29 -51.56 -0.72 -0.38
N THR D 30 -52.33 -0.09 0.49
CA THR D 30 -53.29 0.91 0.08
C THR D 30 -52.52 2.13 -0.35
N GLU D 31 -52.94 2.71 -1.43
CA GLU D 31 -52.28 3.89 -1.97
C GLU D 31 -51.72 4.70 -0.80
N ASP D 32 -52.58 4.94 0.17
CA ASP D 32 -52.20 5.68 1.35
C ASP D 32 -51.05 4.95 2.01
N ASP D 33 -51.31 3.73 2.48
CA ASP D 33 -50.26 2.93 3.09
C ASP D 33 -48.97 3.22 2.41
N PHE D 34 -48.91 2.87 1.13
CA PHE D 34 -47.72 3.09 0.34
C PHE D 34 -47.17 4.49 0.56
N ASP D 35 -48.02 5.50 0.45
CA ASP D 35 -47.54 6.85 0.66
C ASP D 35 -46.89 6.89 2.04
N PHE D 36 -47.69 6.63 3.06
CA PHE D 36 -47.25 6.60 4.45
C PHE D 36 -45.87 5.96 4.59
N LEU D 37 -45.70 4.81 3.96
CA LEU D 37 -44.44 4.08 4.03
C LEU D 37 -43.33 4.92 3.41
N THR D 38 -43.57 5.36 2.19
CA THR D 38 -42.61 6.11 1.42
C THR D 38 -42.59 7.62 1.63
N SER D 39 -43.54 8.13 2.43
CA SER D 39 -43.63 9.57 2.70
C SER D 39 -42.40 10.03 3.47
N ASN D 40 -42.27 11.34 3.60
CA ASN D 40 -41.14 11.94 4.28
C ASN D 40 -41.55 12.52 5.60
N LYS D 41 -42.80 12.27 5.97
CA LYS D 41 -43.28 12.77 7.24
C LYS D 41 -42.82 11.75 8.30
N VAL D 42 -42.28 12.27 9.38
CA VAL D 42 -41.71 11.43 10.45
C VAL D 42 -42.69 10.42 11.06
N TRP D 43 -42.18 9.21 11.23
CA TRP D 43 -42.92 8.11 11.88
C TRP D 43 -42.87 8.33 13.38
N ILE D 44 -44.04 8.49 13.98
CA ILE D 44 -44.16 8.71 15.41
C ILE D 44 -44.42 7.42 16.11
N ALA D 45 -44.12 7.47 17.39
CA ALA D 45 -44.33 6.37 18.32
C ALA D 45 -45.59 5.64 17.96
N THR D 46 -46.69 6.37 17.93
CA THR D 46 -47.99 5.78 17.64
C THR D 46 -48.11 5.11 16.28
N ASP D 47 -47.10 5.23 15.44
CA ASP D 47 -47.18 4.66 14.10
C ASP D 47 -46.56 3.28 13.93
N ARG D 48 -45.45 3.09 14.62
CA ARG D 48 -44.73 1.84 14.59
C ARG D 48 -45.47 0.77 13.85
N SER D 49 -46.53 0.29 14.49
CA SER D 49 -47.34 -0.77 13.92
C SER D 49 -47.55 -0.64 12.42
N ARG D 50 -48.21 0.44 12.01
CA ARG D 50 -48.45 0.58 10.59
C ARG D 50 -47.13 0.52 9.90
N ALA D 51 -46.11 1.16 10.47
CA ALA D 51 -44.80 1.14 9.84
C ALA D 51 -44.45 -0.30 9.53
N ARG D 52 -44.35 -1.12 10.56
CA ARG D 52 -44.04 -2.52 10.38
C ARG D 52 -44.96 -3.12 9.33
N ARG D 53 -46.25 -3.19 9.65
CA ARG D 53 -47.24 -3.75 8.75
C ARG D 53 -46.88 -3.51 7.29
N CYS D 54 -46.49 -2.28 6.97
CA CYS D 54 -46.13 -1.98 5.61
C CYS D 54 -44.73 -2.42 5.23
N VAL D 55 -43.74 -2.16 6.07
CA VAL D 55 -42.37 -2.60 5.75
C VAL D 55 -42.41 -4.11 5.50
N GLU D 56 -43.02 -4.83 6.44
CA GLU D 56 -43.17 -6.27 6.35
C GLU D 56 -43.82 -6.55 4.99
N ALA D 57 -44.99 -5.96 4.79
CA ALA D 57 -45.74 -6.11 3.56
C ALA D 57 -44.87 -6.17 2.31
N CYS D 58 -43.97 -5.21 2.17
CA CYS D 58 -43.11 -5.20 1.01
C CYS D 58 -42.19 -6.40 0.99
N VAL D 59 -41.59 -6.73 2.12
CA VAL D 59 -40.66 -7.85 2.16
C VAL D 59 -41.29 -9.13 1.65
N TYR D 60 -42.15 -9.72 2.48
CA TYR D 60 -42.78 -10.98 2.11
C TYR D 60 -43.59 -10.78 0.87
N GLY D 61 -43.60 -9.55 0.36
CA GLY D 61 -44.36 -9.25 -0.84
C GLY D 61 -43.57 -9.56 -2.08
N THR D 62 -42.58 -8.72 -2.36
CA THR D 62 -41.73 -8.90 -3.49
C THR D 62 -41.29 -10.36 -3.55
N LEU D 63 -41.10 -10.96 -2.38
CA LEU D 63 -40.70 -12.37 -2.30
C LEU D 63 -41.68 -13.21 -3.10
N ASP D 64 -42.97 -13.01 -2.85
CA ASP D 64 -44.01 -13.74 -3.55
C ASP D 64 -43.98 -13.42 -5.03
N PHE D 65 -43.69 -12.17 -5.33
CA PHE D 65 -43.61 -11.65 -6.68
C PHE D 65 -42.52 -12.42 -7.44
N VAL D 66 -41.75 -13.23 -6.72
CA VAL D 66 -40.69 -13.94 -7.40
C VAL D 66 -40.60 -15.45 -7.19
N GLY D 67 -41.67 -16.05 -6.68
CA GLY D 67 -41.68 -17.49 -6.49
C GLY D 67 -41.16 -18.04 -5.18
N TYR D 68 -40.05 -17.52 -4.67
CA TYR D 68 -39.54 -18.05 -3.41
C TYR D 68 -40.74 -18.41 -2.54
N PRO D 69 -40.81 -19.62 -1.96
CA PRO D 69 -41.92 -19.94 -1.12
C PRO D 69 -41.96 -18.88 -0.07
N ARG D 70 -42.48 -19.17 1.10
CA ARG D 70 -42.49 -18.13 2.12
C ARG D 70 -41.70 -18.53 3.37
N PHE D 71 -40.39 -18.50 3.19
CA PHE D 71 -39.42 -18.71 4.26
C PHE D 71 -39.29 -17.41 5.01
N PRO D 72 -39.18 -17.45 6.34
CA PRO D 72 -39.03 -16.17 7.03
C PRO D 72 -37.91 -15.46 6.26
N ALA D 73 -38.12 -14.18 5.99
CA ALA D 73 -37.18 -13.41 5.22
C ALA D 73 -35.81 -13.17 5.81
N PRO D 74 -34.78 -13.19 4.95
CA PRO D 74 -33.35 -12.98 5.18
C PRO D 74 -33.14 -11.48 5.44
N VAL D 75 -32.17 -11.11 6.28
CA VAL D 75 -31.95 -9.71 6.57
C VAL D 75 -31.60 -8.84 5.35
N GLU D 76 -30.54 -9.20 4.64
CA GLU D 76 -30.15 -8.49 3.47
C GLU D 76 -31.40 -8.13 2.67
N PHE D 77 -32.41 -9.00 2.65
CA PHE D 77 -33.63 -8.67 1.90
C PHE D 77 -34.27 -7.45 2.56
N ILE D 78 -34.72 -7.68 3.79
CA ILE D 78 -35.38 -6.64 4.58
C ILE D 78 -34.67 -5.29 4.41
N ALA D 79 -33.34 -5.34 4.38
CA ALA D 79 -32.56 -4.13 4.24
C ALA D 79 -32.98 -3.54 2.91
N ALA D 80 -32.57 -4.21 1.84
CA ALA D 80 -32.89 -3.77 0.52
C ALA D 80 -34.26 -3.12 0.54
N VAL D 81 -35.24 -3.78 1.12
CA VAL D 81 -36.58 -3.20 1.15
C VAL D 81 -36.67 -1.87 1.87
N ILE D 82 -36.21 -1.81 3.12
CA ILE D 82 -36.24 -0.56 3.86
C ILE D 82 -35.51 0.43 3.00
N ALA D 83 -34.30 0.03 2.62
CA ALA D 83 -33.44 0.84 1.82
C ALA D 83 -34.10 1.46 0.61
N TYR D 84 -34.90 0.68 -0.11
CA TYR D 84 -35.58 1.16 -1.30
C TYR D 84 -36.87 1.98 -1.05
N TYR D 85 -37.70 1.54 -0.14
CA TYR D 85 -39.01 2.20 0.03
C TYR D 85 -39.05 3.25 1.13
N VAL D 86 -38.59 2.90 2.30
CA VAL D 86 -38.63 3.85 3.41
C VAL D 86 -37.79 5.09 3.10
N HIS D 87 -38.26 6.23 3.58
CA HIS D 87 -37.56 7.50 3.36
C HIS D 87 -36.46 7.69 4.38
N PRO D 88 -35.38 8.40 4.02
CA PRO D 88 -34.25 8.65 4.90
C PRO D 88 -34.62 9.10 6.26
N VAL D 89 -35.58 10.00 6.31
CA VAL D 89 -35.98 10.46 7.61
C VAL D 89 -36.46 9.32 8.49
N ASN D 90 -36.99 8.26 7.90
CA ASN D 90 -37.45 7.17 8.74
C ASN D 90 -36.57 5.88 8.80
N ILE D 91 -35.56 5.84 7.95
CA ILE D 91 -34.69 4.69 7.85
C ILE D 91 -34.27 4.11 9.19
N GLN D 92 -33.86 4.96 10.11
CA GLN D 92 -33.43 4.43 11.38
C GLN D 92 -34.59 3.73 12.09
N THR D 93 -35.62 4.48 12.45
CA THR D 93 -36.73 3.83 13.14
C THR D 93 -37.23 2.61 12.36
N ALA D 94 -37.34 2.73 11.04
CA ALA D 94 -37.79 1.63 10.19
C ALA D 94 -36.95 0.42 10.59
N CYS D 95 -35.65 0.63 10.79
CA CYS D 95 -34.78 -0.46 11.17
C CYS D 95 -35.18 -0.93 12.55
N LEU D 96 -35.21 -0.01 13.51
CA LEU D 96 -35.59 -0.39 14.85
C LEU D 96 -36.87 -1.20 14.86
N ILE D 97 -37.78 -0.98 13.93
CA ILE D 97 -39.00 -1.76 14.00
C ILE D 97 -38.87 -3.18 13.44
N MET D 98 -37.97 -3.40 12.50
CA MET D 98 -37.84 -4.76 12.00
C MET D 98 -36.96 -5.62 12.95
N GLU D 99 -36.41 -4.95 13.94
CA GLU D 99 -35.43 -5.51 14.91
C GLU D 99 -35.87 -6.82 15.62
N GLY D 100 -36.79 -6.65 16.55
CA GLY D 100 -37.30 -7.75 17.42
C GLY D 100 -37.32 -9.13 16.75
N ALA D 101 -38.27 -9.90 17.26
CA ALA D 101 -38.59 -11.26 16.84
C ALA D 101 -40.05 -11.50 17.21
N GLU D 102 -40.77 -10.40 17.07
CA GLU D 102 -42.19 -10.29 17.39
C GLU D 102 -42.99 -11.38 16.73
N PHE D 103 -43.49 -12.31 17.52
CA PHE D 103 -44.23 -13.41 16.97
C PHE D 103 -45.50 -12.98 16.31
N THR D 104 -45.84 -13.71 15.26
CA THR D 104 -47.07 -13.52 14.51
C THR D 104 -47.21 -14.77 13.65
N GLU D 105 -48.18 -15.61 13.99
CA GLU D 105 -48.39 -16.84 13.22
C GLU D 105 -49.08 -16.50 11.90
N ASN D 106 -48.24 -16.30 10.89
CA ASN D 106 -48.65 -15.94 9.54
C ASN D 106 -47.69 -16.67 8.59
N ILE D 107 -46.47 -16.72 9.09
CA ILE D 107 -45.34 -17.44 8.47
C ILE D 107 -44.99 -18.59 9.41
N ILE D 108 -43.71 -18.78 9.69
CA ILE D 108 -43.32 -19.85 10.62
C ILE D 108 -42.29 -19.39 11.65
N ASN D 109 -42.71 -19.44 12.92
CA ASN D 109 -41.86 -19.07 14.04
C ASN D 109 -40.77 -20.14 14.14
N GLY D 110 -40.95 -21.17 13.31
CA GLY D 110 -40.01 -22.28 13.24
C GLY D 110 -38.61 -21.75 12.98
N VAL D 111 -38.50 -20.64 12.23
CA VAL D 111 -37.19 -20.08 11.97
C VAL D 111 -37.08 -18.61 12.42
N GLU D 112 -37.89 -18.26 13.42
CA GLU D 112 -37.86 -16.93 14.02
C GLU D 112 -36.54 -16.91 14.82
N ARG D 113 -35.63 -16.01 14.45
CA ARG D 113 -34.32 -15.80 15.10
C ARG D 113 -34.16 -14.27 15.18
N PRO D 114 -34.00 -13.70 16.39
CA PRO D 114 -33.87 -12.23 16.47
C PRO D 114 -32.97 -11.56 15.44
N VAL D 115 -33.42 -10.40 14.96
CA VAL D 115 -32.72 -9.60 13.98
C VAL D 115 -32.07 -8.49 14.77
N LYS D 116 -30.86 -8.11 14.45
CA LYS D 116 -30.23 -7.05 15.22
C LYS D 116 -30.45 -5.66 14.62
N ALA D 117 -31.08 -4.80 15.39
CA ALA D 117 -31.34 -3.47 14.89
C ALA D 117 -30.09 -2.92 14.21
N ALA D 118 -29.15 -2.46 15.03
CA ALA D 118 -27.92 -1.87 14.53
C ALA D 118 -27.33 -2.49 13.28
N GLU D 119 -27.44 -3.80 13.18
CA GLU D 119 -26.87 -4.50 12.02
C GLU D 119 -27.77 -4.31 10.82
N LEU D 120 -29.07 -4.39 11.03
CA LEU D 120 -30.02 -4.11 9.97
C LEU D 120 -29.68 -2.74 9.33
N PHE D 121 -29.60 -1.69 10.15
CA PHE D 121 -29.27 -0.36 9.61
C PHE D 121 -27.98 -0.41 8.83
N ALA D 122 -26.95 -0.87 9.51
CA ALA D 122 -25.63 -0.98 8.90
C ALA D 122 -25.75 -1.64 7.53
N PHE D 123 -26.54 -2.68 7.43
CA PHE D 123 -26.72 -3.37 6.15
C PHE D 123 -27.30 -2.47 5.07
N THR D 124 -28.48 -1.96 5.38
CA THR D 124 -29.21 -1.08 4.50
C THR D 124 -28.41 0.16 4.17
N LEU D 125 -27.73 0.71 5.17
CA LEU D 125 -26.93 1.90 4.98
C LEU D 125 -26.07 1.65 3.76
N ARG D 126 -25.45 0.49 3.75
CA ARG D 126 -24.62 0.15 2.62
C ARG D 126 -25.42 -0.22 1.38
N VAL D 127 -26.45 -1.03 1.52
CA VAL D 127 -27.25 -1.37 0.33
C VAL D 127 -27.59 -0.05 -0.34
N ARG D 128 -27.92 0.92 0.52
CA ARG D 128 -28.33 2.23 0.08
C ARG D 128 -27.23 2.87 -0.74
N ALA D 129 -26.03 2.62 -0.32
CA ALA D 129 -24.89 3.04 -1.12
C ALA D 129 -24.98 2.19 -2.37
N GLY D 130 -24.09 2.40 -3.29
CA GLY D 130 -24.08 1.59 -4.50
C GLY D 130 -23.29 0.32 -4.20
N ASN D 131 -23.95 -0.70 -3.63
CA ASN D 131 -23.23 -1.92 -3.30
C ASN D 131 -24.25 -3.04 -3.17
N THR D 132 -24.42 -3.78 -4.24
CA THR D 132 -25.48 -4.80 -4.25
C THR D 132 -25.00 -6.19 -3.76
N ASP D 133 -23.88 -6.69 -4.26
CA ASP D 133 -23.42 -8.03 -3.84
C ASP D 133 -24.27 -8.49 -2.64
N VAL D 134 -23.94 -7.91 -1.51
CA VAL D 134 -24.60 -8.18 -0.22
C VAL D 134 -25.95 -8.84 -0.38
N LEU D 135 -26.73 -8.31 -1.31
CA LEU D 135 -28.04 -8.87 -1.61
C LEU D 135 -27.88 -10.15 -2.41
N THR D 136 -27.41 -10.07 -3.64
CA THR D 136 -27.22 -11.29 -4.45
C THR D 136 -26.54 -12.39 -3.66
N ASP D 137 -25.38 -12.06 -3.12
CA ASP D 137 -24.58 -13.00 -2.32
C ASP D 137 -25.51 -13.68 -1.34
N ALA D 138 -26.50 -12.94 -0.88
CA ALA D 138 -27.48 -13.46 0.07
C ALA D 138 -28.60 -14.21 -0.61
N GLU D 139 -28.97 -13.77 -1.80
CA GLU D 139 -30.04 -14.44 -2.48
C GLU D 139 -29.58 -15.82 -2.84
N GLU D 140 -28.32 -15.90 -3.24
CA GLU D 140 -27.73 -17.16 -3.65
C GLU D 140 -27.89 -18.12 -2.53
N ASN D 141 -27.37 -17.72 -1.39
CA ASN D 141 -27.46 -18.60 -0.26
C ASN D 141 -28.85 -19.13 -0.12
N VAL D 142 -29.85 -18.24 -0.12
CA VAL D 142 -31.23 -18.69 0.04
C VAL D 142 -31.58 -19.76 -0.95
N ARG D 143 -31.32 -19.47 -2.21
CA ARG D 143 -31.62 -20.43 -3.26
C ARG D 143 -31.11 -21.80 -2.82
N GLN D 144 -29.79 -21.91 -2.72
CA GLN D 144 -29.18 -23.16 -2.35
C GLN D 144 -29.95 -23.80 -1.19
N LYS D 145 -30.02 -23.11 -0.04
CA LYS D 145 -30.73 -23.62 1.13
C LYS D 145 -31.99 -24.35 0.77
N LEU D 146 -32.64 -23.90 -0.30
CA LEU D 146 -33.89 -24.52 -0.72
C LEU D 146 -33.68 -25.74 -1.61
N ARG D 147 -32.98 -25.56 -2.72
CA ARG D 147 -32.74 -26.70 -3.61
C ARG D 147 -32.33 -27.88 -2.75
N ALA D 148 -31.41 -27.64 -1.82
CA ALA D 148 -30.91 -28.68 -0.95
C ALA D 148 -32.05 -29.26 -0.17
N GLU D 149 -32.88 -28.36 0.34
CA GLU D 149 -34.03 -28.72 1.14
C GLU D 149 -35.07 -29.39 0.30
N GLY D 150 -34.89 -29.28 -1.01
CA GLY D 150 -35.83 -29.91 -1.92
C GLY D 150 -36.88 -29.00 -2.58
N VAL D 151 -36.54 -27.75 -2.77
CA VAL D 151 -37.42 -26.83 -3.52
C VAL D 151 -36.67 -26.47 -4.79
N MET D 152 -36.67 -27.47 -5.66
CA MET D 152 -35.91 -27.49 -6.92
C MET D 152 -34.88 -28.64 -6.76
N SER E 1 -21.67 -46.66 8.68
CA SER E 1 -20.21 -46.45 8.89
C SER E 1 -19.44 -46.21 7.59
N ASN E 2 -18.47 -45.29 7.69
CA ASN E 2 -17.59 -44.90 6.61
C ASN E 2 -16.75 -46.10 6.19
N ILE E 3 -16.04 -46.66 7.18
CA ILE E 3 -15.18 -47.85 7.04
C ILE E 3 -14.26 -47.93 5.81
N GLN E 4 -14.76 -48.46 4.69
CA GLN E 4 -13.94 -48.57 3.48
C GLN E 4 -13.34 -47.24 3.04
N THR E 5 -14.22 -46.21 3.00
CA THR E 5 -13.87 -44.85 2.61
C THR E 5 -12.40 -44.57 2.28
N GLY E 6 -11.49 -44.83 3.22
CA GLY E 6 -10.06 -44.61 2.97
C GLY E 6 -9.58 -45.53 1.84
N ALA E 7 -10.03 -45.23 0.61
CA ALA E 7 -9.70 -46.04 -0.58
C ALA E 7 -10.28 -45.50 -1.93
N GLU E 8 -11.36 -46.14 -2.37
CA GLU E 8 -12.01 -45.92 -3.71
C GLU E 8 -12.44 -44.47 -4.04
N ARG E 9 -11.59 -43.82 -4.85
CA ARG E 9 -11.79 -42.44 -5.37
C ARG E 9 -11.26 -42.41 -6.81
N MET E 10 -11.64 -41.40 -7.59
CA MET E 10 -11.15 -41.33 -8.95
C MET E 10 -10.13 -40.24 -9.03
N PRO E 11 -9.46 -40.14 -10.15
CA PRO E 11 -8.46 -39.12 -10.37
C PRO E 11 -9.05 -38.05 -11.31
N HIS E 12 -9.14 -36.79 -10.88
CA HIS E 12 -9.64 -35.71 -11.73
C HIS E 12 -8.47 -34.87 -12.22
N ASP E 13 -8.64 -34.25 -13.38
CA ASP E 13 -7.53 -33.48 -13.94
C ASP E 13 -7.59 -31.98 -13.85
N LEU E 14 -7.22 -31.45 -12.69
CA LEU E 14 -7.21 -30.01 -12.53
C LEU E 14 -5.96 -29.41 -13.11
N SER E 15 -5.42 -30.04 -14.15
CA SER E 15 -4.21 -29.55 -14.79
C SER E 15 -4.65 -28.37 -15.63
N HIS E 16 -3.74 -27.45 -15.91
CA HIS E 16 -4.06 -26.24 -16.66
C HIS E 16 -2.78 -25.51 -16.81
N LEU E 17 -2.66 -24.68 -17.81
CA LEU E 17 -1.42 -23.99 -17.96
C LEU E 17 -1.62 -22.57 -17.57
N GLY E 18 -0.53 -21.85 -17.42
CA GLY E 18 -0.64 -20.46 -17.08
C GLY E 18 0.50 -19.68 -17.73
N PHE E 19 0.19 -18.45 -18.04
CA PHE E 19 1.12 -17.47 -18.60
C PHE E 19 1.23 -16.35 -17.59
N LEU E 20 2.40 -16.19 -17.01
CA LEU E 20 2.56 -15.21 -15.95
C LEU E 20 3.81 -14.36 -16.09
N ALA E 21 3.84 -13.39 -15.20
CA ALA E 21 4.92 -12.42 -15.09
C ALA E 21 4.98 -11.85 -13.73
N GLY E 22 6.18 -11.45 -13.35
CA GLY E 22 6.37 -10.89 -12.03
C GLY E 22 7.48 -9.86 -11.91
N GLN E 23 7.61 -9.32 -10.70
CA GLN E 23 8.64 -8.34 -10.40
C GLN E 23 9.66 -9.08 -9.57
N ILE E 24 10.91 -8.69 -9.76
CA ILE E 24 12.02 -9.36 -9.13
C ILE E 24 12.27 -8.92 -7.72
N GLY E 25 11.92 -9.79 -6.78
CA GLY E 25 12.09 -9.47 -5.37
C GLY E 25 10.74 -9.58 -4.68
N ARG E 26 9.72 -9.92 -5.46
CA ARG E 26 8.39 -10.04 -4.91
C ARG E 26 7.79 -11.43 -5.01
N LEU E 27 7.34 -11.97 -3.88
CA LEU E 27 6.74 -13.29 -3.82
C LEU E 27 5.38 -13.24 -4.43
N ILE E 28 5.25 -13.77 -5.64
CA ILE E 28 3.99 -13.78 -6.40
C ILE E 28 3.40 -15.16 -6.56
N THR E 29 2.13 -15.34 -6.23
CA THR E 29 1.54 -16.68 -6.42
C THR E 29 1.29 -17.03 -7.93
N ILE E 30 1.68 -18.21 -8.40
CA ILE E 30 1.43 -18.54 -9.80
C ILE E 30 0.15 -19.36 -10.07
N SER E 31 -0.24 -20.21 -9.15
CA SER E 31 -1.49 -20.94 -9.37
C SER E 31 -1.97 -21.53 -8.03
N THR E 32 -3.28 -21.46 -7.79
CA THR E 32 -3.82 -21.96 -6.54
C THR E 32 -5.00 -22.88 -6.80
N THR E 33 -4.92 -24.16 -6.41
CA THR E 33 -6.10 -25.02 -6.58
C THR E 33 -6.66 -25.52 -5.26
N PRO E 34 -8.00 -25.52 -5.11
CA PRO E 34 -8.72 -25.96 -3.92
C PRO E 34 -8.63 -27.47 -3.78
N VAL E 35 -8.55 -27.93 -2.55
CA VAL E 35 -8.42 -29.35 -2.29
C VAL E 35 -9.37 -29.63 -1.17
N ILE E 36 -9.96 -30.77 -1.17
CA ILE E 36 -10.91 -31.10 -0.13
C ILE E 36 -10.43 -32.15 0.78
N ALA E 37 -10.84 -32.07 2.03
CA ALA E 37 -10.44 -33.06 3.00
C ALA E 37 -10.69 -34.37 2.33
N GLY E 38 -9.64 -35.18 2.20
CA GLY E 38 -9.76 -36.48 1.55
C GLY E 38 -8.96 -36.59 0.26
N ASP E 39 -8.92 -35.50 -0.49
CA ASP E 39 -8.19 -35.45 -1.75
C ASP E 39 -6.73 -35.84 -1.57
N SER E 40 -6.19 -36.27 -2.69
CA SER E 40 -4.78 -36.61 -2.87
C SER E 40 -4.34 -35.78 -4.07
N PHE E 41 -3.47 -34.84 -3.80
CA PHE E 41 -3.07 -33.84 -4.79
C PHE E 41 -1.72 -34.09 -5.39
N GLU E 42 -1.66 -34.12 -6.72
CA GLU E 42 -0.45 -34.40 -7.46
C GLU E 42 -0.20 -33.29 -8.47
N MET E 43 1.01 -32.72 -8.47
CA MET E 43 1.36 -31.66 -9.44
C MET E 43 2.73 -31.83 -10.13
N ASP E 44 2.82 -31.44 -11.39
CA ASP E 44 4.09 -31.51 -12.15
C ASP E 44 4.20 -30.28 -13.04
N ALA E 45 4.84 -29.25 -12.52
CA ALA E 45 4.98 -27.99 -13.22
C ALA E 45 6.18 -27.98 -14.16
N VAL E 46 5.87 -27.62 -15.40
CA VAL E 46 6.89 -27.52 -16.44
C VAL E 46 6.69 -26.32 -17.32
N GLY E 47 7.79 -25.74 -17.79
CA GLY E 47 7.71 -24.57 -18.64
C GLY E 47 9.01 -23.81 -18.67
N ALA E 48 8.96 -22.52 -18.97
CA ALA E 48 10.21 -21.79 -19.01
C ALA E 48 10.10 -20.47 -18.31
N LEU E 49 11.23 -20.00 -17.79
CA LEU E 49 11.28 -18.74 -17.10
C LEU E 49 12.19 -17.85 -17.90
N ARG E 50 11.98 -16.53 -17.81
CA ARG E 50 12.78 -15.58 -18.57
C ARG E 50 12.71 -14.16 -18.03
N LEU E 51 13.82 -13.51 -18.29
CA LEU E 51 14.00 -12.10 -18.02
C LEU E 51 13.64 -11.39 -19.32
N SER E 52 13.63 -10.10 -19.30
CA SER E 52 13.24 -9.34 -20.48
C SER E 52 14.41 -9.04 -21.34
N PRO E 53 14.19 -8.59 -22.56
CA PRO E 53 15.39 -8.32 -23.35
C PRO E 53 16.30 -7.54 -22.43
N LEU E 54 17.56 -7.93 -22.38
CA LEU E 54 18.53 -7.27 -21.51
C LEU E 54 19.20 -6.23 -22.36
N ARG E 55 19.68 -5.14 -21.79
CA ARG E 55 20.30 -4.12 -22.61
C ARG E 55 21.69 -4.53 -23.00
N ARG E 56 22.34 -5.25 -22.10
CA ARG E 56 23.68 -5.68 -22.38
C ARG E 56 23.76 -7.19 -22.58
N GLY E 57 24.92 -7.77 -22.30
CA GLY E 57 25.06 -9.21 -22.47
C GLY E 57 24.78 -9.98 -21.19
N LEU E 58 24.81 -11.30 -21.25
CA LEU E 58 24.52 -12.04 -20.06
C LEU E 58 25.68 -11.78 -19.12
N ALA E 59 25.39 -11.64 -17.84
CA ALA E 59 26.46 -11.31 -16.87
C ALA E 59 26.36 -12.03 -15.53
N ILE E 60 25.25 -11.89 -14.80
CA ILE E 60 25.07 -12.63 -13.54
C ILE E 60 23.74 -13.30 -13.68
N ASP E 61 23.52 -14.39 -12.97
CA ASP E 61 22.22 -15.06 -13.06
C ASP E 61 21.31 -15.01 -11.86
N SER E 62 20.04 -15.14 -12.15
CA SER E 62 19.01 -15.10 -11.14
C SER E 62 18.76 -16.49 -10.60
N THR E 63 18.30 -16.60 -9.37
CA THR E 63 17.98 -17.88 -8.81
C THR E 63 16.48 -17.87 -8.74
N VAL E 64 15.82 -18.88 -9.30
CA VAL E 64 14.37 -18.93 -9.23
C VAL E 64 13.94 -19.94 -8.16
N ASP E 65 12.95 -19.58 -7.35
CA ASP E 65 12.45 -20.48 -6.30
C ASP E 65 10.96 -20.69 -6.52
N ILE E 66 10.51 -21.93 -6.52
CA ILE E 66 9.10 -22.17 -6.72
C ILE E 66 8.50 -23.00 -5.59
N PHE E 67 7.89 -22.31 -4.63
CA PHE E 67 7.27 -22.96 -3.47
C PHE E 67 5.81 -23.41 -3.67
N THR E 68 5.41 -24.45 -2.95
CA THR E 68 4.03 -24.95 -3.00
C THR E 68 3.62 -25.30 -1.58
N PHE E 69 2.86 -24.40 -0.95
CA PHE E 69 2.37 -24.54 0.42
C PHE E 69 0.94 -25.07 0.53
N TYR E 70 0.59 -25.58 1.71
CA TYR E 70 -0.73 -26.14 1.98
C TYR E 70 -1.36 -25.34 3.07
N VAL E 71 -2.48 -24.67 2.80
CA VAL E 71 -3.11 -23.83 3.80
C VAL E 71 -4.52 -24.23 4.04
N PRO E 72 -4.75 -25.00 5.11
CA PRO E 72 -6.06 -25.48 5.50
C PRO E 72 -6.96 -24.34 5.84
N HIS E 73 -8.21 -24.45 5.43
CA HIS E 73 -9.16 -23.41 5.73
C HIS E 73 -9.28 -23.17 7.25
N ARG E 74 -9.16 -24.24 8.04
CA ARG E 74 -9.29 -24.12 9.49
C ARG E 74 -8.30 -23.13 10.05
N HIS E 75 -7.43 -22.59 9.23
CA HIS E 75 -6.46 -21.66 9.76
C HIS E 75 -6.85 -20.28 9.39
N VAL E 76 -7.76 -20.21 8.47
CA VAL E 76 -8.16 -18.91 8.02
C VAL E 76 -9.50 -18.50 8.55
N TYR E 77 -10.58 -19.20 8.23
CA TYR E 77 -11.85 -18.77 8.79
C TYR E 77 -11.89 -19.34 10.17
N GLY E 78 -10.87 -20.11 10.52
CA GLY E 78 -10.81 -20.76 11.81
C GLY E 78 -12.03 -20.68 12.74
N GLU E 79 -12.44 -21.81 13.31
CA GLU E 79 -13.56 -21.84 14.22
C GLU E 79 -14.82 -21.57 13.42
N GLN E 80 -14.88 -20.34 12.98
CA GLN E 80 -15.95 -19.91 12.10
C GLN E 80 -16.17 -21.04 11.12
N TRP E 81 -15.04 -21.63 10.77
CA TRP E 81 -15.00 -22.75 9.85
C TRP E 81 -15.60 -23.98 10.52
N ILE E 82 -15.16 -24.29 11.74
CA ILE E 82 -15.71 -25.46 12.42
C ILE E 82 -17.22 -25.44 12.31
N LYS E 83 -17.83 -24.44 12.91
CA LYS E 83 -19.27 -24.33 12.85
C LYS E 83 -19.79 -24.55 11.42
N PHE E 84 -19.21 -23.84 10.46
CA PHE E 84 -19.63 -23.96 9.06
C PHE E 84 -19.77 -25.44 8.66
N MET E 85 -18.66 -26.14 8.57
CA MET E 85 -18.66 -27.55 8.20
C MET E 85 -19.63 -28.37 9.02
N LYS E 86 -19.89 -27.90 10.22
CA LYS E 86 -20.75 -28.57 11.16
C LYS E 86 -22.20 -28.31 10.84
N ASP E 87 -22.50 -27.09 10.41
CA ASP E 87 -23.85 -26.66 10.07
C ASP E 87 -24.27 -27.05 8.66
N GLY E 88 -23.29 -27.26 7.79
CA GLY E 88 -23.55 -27.61 6.40
C GLY E 88 -24.57 -26.71 5.75
N VAL E 89 -25.36 -27.27 4.85
CA VAL E 89 -26.42 -26.53 4.16
C VAL E 89 -26.99 -25.31 4.90
N ASN E 90 -26.82 -25.24 6.20
CA ASN E 90 -27.46 -24.16 6.98
C ASN E 90 -26.53 -23.02 7.41
N ALA E 91 -25.25 -23.26 7.36
CA ALA E 91 -24.27 -22.26 7.80
C ALA E 91 -24.27 -21.04 6.93
N THR E 92 -23.87 -19.99 7.57
CA THR E 92 -23.73 -18.69 6.96
C THR E 92 -22.45 -18.65 6.19
N PRO E 93 -22.53 -18.23 4.96
CA PRO E 93 -21.39 -18.11 4.06
C PRO E 93 -20.09 -17.63 4.68
N LEU E 94 -18.97 -18.14 4.17
CA LEU E 94 -17.63 -17.74 4.58
C LEU E 94 -17.47 -16.32 4.02
N PRO E 95 -16.90 -15.43 4.83
CA PRO E 95 -16.64 -14.02 4.56
C PRO E 95 -15.79 -13.74 3.34
N THR E 96 -15.78 -12.51 2.91
CA THR E 96 -14.95 -12.18 1.79
C THR E 96 -14.09 -11.04 2.28
N VAL E 97 -13.22 -10.56 1.40
CA VAL E 97 -12.34 -9.49 1.74
C VAL E 97 -12.32 -8.60 0.51
N ASN E 98 -12.16 -7.30 0.68
CA ASN E 98 -12.19 -6.42 -0.49
C ASN E 98 -10.84 -6.03 -1.07
N THR E 99 -10.94 -5.77 -2.39
CA THR E 99 -9.81 -5.43 -3.27
C THR E 99 -10.06 -4.16 -4.05
N THR E 100 -9.04 -3.30 -4.14
CA THR E 100 -9.11 -2.04 -4.90
C THR E 100 -9.59 -2.42 -6.32
N GLY E 101 -10.43 -1.58 -6.91
CA GLY E 101 -11.08 -1.89 -8.21
C GLY E 101 -10.15 -1.79 -9.45
N TYR E 102 -9.11 -2.62 -9.49
CA TYR E 102 -8.18 -2.63 -10.65
C TYR E 102 -7.88 -4.06 -11.08
N ILE E 103 -8.11 -4.32 -12.36
CA ILE E 103 -7.84 -5.65 -12.95
C ILE E 103 -6.72 -6.33 -12.20
N ASP E 104 -5.57 -5.73 -12.37
CA ASP E 104 -4.37 -6.22 -11.74
C ASP E 104 -4.22 -5.56 -10.36
N HIS E 105 -4.76 -6.18 -9.35
CA HIS E 105 -4.68 -5.62 -7.99
C HIS E 105 -4.99 -6.69 -6.94
N ALA E 106 -5.48 -7.78 -7.46
CA ALA E 106 -5.73 -9.00 -6.70
C ALA E 106 -4.77 -10.00 -7.33
N ALA E 107 -3.92 -9.35 -8.10
CA ALA E 107 -2.90 -9.94 -8.94
C ALA E 107 -1.91 -10.81 -8.18
N PHE E 108 -1.65 -10.48 -6.93
CA PHE E 108 -0.66 -11.24 -6.17
C PHE E 108 -1.22 -12.58 -5.76
N LEU E 109 -2.51 -12.80 -5.96
CA LEU E 109 -3.08 -14.08 -5.61
C LEU E 109 -3.38 -14.86 -6.90
N GLY E 110 -2.73 -14.46 -7.97
CA GLY E 110 -2.95 -15.14 -9.22
C GLY E 110 -4.42 -15.22 -9.65
N THR E 111 -5.10 -14.12 -9.52
CA THR E 111 -6.48 -14.01 -9.97
C THR E 111 -6.76 -12.60 -10.42
N ILE E 112 -7.56 -12.51 -11.45
CA ILE E 112 -7.99 -11.23 -11.92
C ILE E 112 -9.04 -10.77 -10.97
N ASN E 113 -8.89 -9.57 -10.43
CA ASN E 113 -9.88 -9.05 -9.52
C ASN E 113 -11.26 -9.20 -10.14
N PRO E 114 -12.10 -10.00 -9.51
CA PRO E 114 -13.47 -10.29 -9.94
C PRO E 114 -14.13 -8.93 -9.97
N ASP E 115 -15.21 -8.83 -10.69
CA ASP E 115 -15.88 -7.53 -10.92
C ASP E 115 -16.36 -6.82 -9.63
N THR E 116 -16.47 -7.54 -8.53
CA THR E 116 -17.00 -6.95 -7.29
C THR E 116 -15.90 -6.56 -6.31
N ASN E 117 -14.67 -6.92 -6.63
CA ASN E 117 -13.56 -6.64 -5.72
C ASN E 117 -13.79 -7.41 -4.41
N LYS E 118 -14.20 -8.65 -4.60
CA LYS E 118 -14.44 -9.56 -3.51
C LYS E 118 -13.57 -10.79 -3.74
N ILE E 119 -12.89 -11.18 -2.70
CA ILE E 119 -12.01 -12.34 -2.75
C ILE E 119 -12.21 -13.13 -1.49
N PRO E 120 -12.43 -14.43 -1.59
CA PRO E 120 -12.65 -15.23 -0.42
C PRO E 120 -11.48 -15.13 0.54
N LYS E 121 -11.74 -14.69 1.75
CA LYS E 121 -10.69 -14.55 2.73
C LYS E 121 -9.52 -15.50 2.54
N HIS E 122 -9.79 -16.81 2.54
CA HIS E 122 -8.70 -17.76 2.46
C HIS E 122 -7.66 -17.37 1.45
N LEU E 123 -8.05 -17.14 0.20
CA LEU E 123 -7.08 -16.79 -0.82
C LEU E 123 -6.15 -15.68 -0.40
N PHE E 124 -6.58 -14.80 0.50
CA PHE E 124 -5.73 -13.69 0.93
C PHE E 124 -5.00 -14.05 2.20
N GLN E 125 -5.73 -14.29 3.27
CA GLN E 125 -5.13 -14.64 4.52
C GLN E 125 -4.02 -15.66 4.28
N GLY E 126 -4.35 -16.69 3.51
CA GLY E 126 -3.40 -17.73 3.16
C GLY E 126 -2.06 -17.10 2.82
N TYR E 127 -2.04 -16.32 1.75
CA TYR E 127 -0.82 -15.64 1.35
C TYR E 127 -0.13 -15.02 2.53
N LEU E 128 -0.82 -14.10 3.19
CA LEU E 128 -0.26 -13.41 4.34
C LEU E 128 0.40 -14.35 5.31
N ASN E 129 -0.25 -15.46 5.62
CA ASN E 129 0.35 -16.40 6.53
C ASN E 129 1.66 -16.93 5.91
N ILE E 130 1.59 -17.38 4.66
CA ILE E 130 2.78 -17.85 4.02
C ILE E 130 3.83 -16.74 4.11
N TYR E 131 3.48 -15.52 3.75
CA TYR E 131 4.46 -14.45 3.79
C TYR E 131 5.04 -14.24 5.15
N ASN E 132 4.16 -14.10 6.11
CA ASN E 132 4.56 -13.88 7.48
C ASN E 132 5.32 -15.05 8.11
N ASN E 133 5.27 -16.22 7.51
CA ASN E 133 5.84 -17.39 8.17
C ASN E 133 7.10 -17.99 7.50
N TYR E 134 7.39 -17.59 6.29
CA TYR E 134 8.55 -18.19 5.61
C TYR E 134 9.41 -17.19 4.81
N PHE E 135 8.85 -16.05 4.47
CA PHE E 135 9.59 -15.12 3.59
C PHE E 135 10.07 -13.84 4.28
N LYS E 136 9.34 -13.36 5.23
CA LYS E 136 9.75 -12.14 5.95
C LYS E 136 10.84 -12.49 6.95
N ALA E 137 11.75 -11.56 7.12
CA ALA E 137 12.80 -11.73 8.12
C ALA E 137 12.09 -11.91 9.45
N PRO E 138 12.42 -12.92 10.25
CA PRO E 138 11.71 -13.14 11.49
C PRO E 138 11.89 -12.02 12.49
N TRP E 139 12.89 -11.18 12.29
CA TRP E 139 13.00 -10.09 13.26
C TRP E 139 11.95 -9.04 12.83
N MET E 140 11.61 -9.04 11.54
CA MET E 140 10.63 -8.11 11.02
C MET E 140 9.30 -8.42 11.69
N PRO E 141 8.33 -7.50 11.57
CA PRO E 141 7.01 -7.64 12.16
C PRO E 141 5.97 -8.27 11.25
N ASP E 142 5.08 -9.07 11.84
CA ASP E 142 4.01 -9.67 11.07
C ASP E 142 3.40 -8.63 10.15
N ARG E 143 2.91 -9.10 9.02
CA ARG E 143 2.31 -8.26 8.03
C ARG E 143 0.80 -8.41 8.25
N THR E 144 0.16 -7.38 8.75
CA THR E 144 -1.26 -7.49 9.12
C THR E 144 -2.19 -6.48 8.46
N GLU E 145 -2.61 -6.82 7.25
CA GLU E 145 -3.61 -6.04 6.53
C GLU E 145 -4.90 -6.75 6.72
N ALA E 146 -5.98 -6.08 6.37
CA ALA E 146 -7.33 -6.61 6.52
C ALA E 146 -7.68 -7.19 5.20
N ASN E 147 -7.97 -6.31 4.27
CA ASN E 147 -8.30 -6.71 2.93
C ASN E 147 -7.32 -6.01 2.04
N PRO E 148 -6.94 -6.65 0.94
CA PRO E 148 -6.01 -6.08 -0.02
C PRO E 148 -6.10 -4.58 -0.16
N ASN E 149 -7.27 -4.03 -0.04
CA ASN E 149 -7.43 -2.56 -0.16
C ASN E 149 -6.14 -1.85 0.25
N GLU E 150 -5.76 -2.19 1.45
CA GLU E 150 -4.67 -1.59 2.20
C GLU E 150 -3.30 -1.68 1.47
N LEU E 151 -3.11 -2.67 0.61
CA LEU E 151 -1.86 -2.77 -0.15
C LEU E 151 -1.71 -1.70 -1.28
N ASN E 152 -0.49 -1.20 -1.45
CA ASN E 152 -0.17 -0.19 -2.48
C ASN E 152 0.03 -0.91 -3.80
N GLN E 153 -0.35 -0.30 -4.90
CA GLN E 153 -0.22 -0.97 -6.19
C GLN E 153 0.94 -1.95 -6.16
N ASP E 154 2.16 -1.45 -6.21
CA ASP E 154 3.33 -2.34 -6.21
C ASP E 154 3.14 -3.67 -5.45
N ASP E 155 2.72 -3.59 -4.20
CA ASP E 155 2.50 -4.79 -3.41
C ASP E 155 1.40 -5.67 -3.94
N ALA E 156 0.28 -5.08 -4.28
CA ALA E 156 -0.83 -5.88 -4.73
C ALA E 156 -0.80 -6.26 -6.18
N ARG E 157 0.06 -5.63 -6.97
CA ARG E 157 0.09 -5.95 -8.41
C ARG E 157 1.23 -6.91 -8.70
N PHE E 158 2.24 -6.70 -7.93
CA PHE E 158 3.41 -7.56 -7.92
C PHE E 158 3.33 -8.26 -6.56
N GLY E 159 4.31 -9.03 -6.21
CA GLY E 159 4.28 -9.73 -4.92
C GLY E 159 4.71 -8.78 -3.81
N PHE E 160 4.63 -9.26 -2.58
CA PHE E 160 5.12 -8.48 -1.44
C PHE E 160 6.60 -8.24 -1.75
N ARG E 161 7.44 -8.33 -0.75
CA ARG E 161 8.88 -8.15 -0.98
C ARG E 161 9.67 -9.05 -0.10
N CYS E 162 10.58 -9.84 -0.65
CA CYS E 162 11.36 -10.69 0.24
C CYS E 162 12.78 -10.17 0.35
N CYS E 163 13.56 -10.75 1.23
CA CYS E 163 14.92 -10.24 1.44
C CYS E 163 15.98 -10.79 0.49
N HIS E 164 17.16 -10.16 0.50
CA HIS E 164 18.29 -10.58 -0.32
C HIS E 164 18.85 -11.92 0.14
N LEU E 165 19.67 -12.53 -0.71
CA LEU E 165 20.25 -13.80 -0.29
C LEU E 165 21.09 -13.54 0.93
N LYS E 166 21.06 -14.47 1.85
CA LYS E 166 21.80 -14.33 3.08
C LYS E 166 23.22 -13.80 2.81
N ASN E 167 23.59 -12.74 3.52
CA ASN E 167 24.87 -12.10 3.33
C ASN E 167 25.20 -11.28 4.59
N ILE E 168 26.49 -11.19 4.90
CA ILE E 168 26.98 -10.57 6.16
C ILE E 168 26.41 -9.16 6.45
N TRP E 169 25.78 -8.54 5.48
CA TRP E 169 25.21 -7.19 5.73
C TRP E 169 23.71 -7.18 5.52
N THR E 170 23.21 -8.21 4.84
CA THR E 170 21.79 -8.36 4.50
C THR E 170 20.97 -9.24 5.44
N ALA E 171 21.63 -10.03 6.26
CA ALA E 171 20.92 -10.93 7.19
C ALA E 171 21.71 -11.03 8.49
N PRO E 172 21.82 -9.93 9.21
CA PRO E 172 22.52 -9.89 10.49
C PRO E 172 21.81 -10.53 11.62
N LEU E 173 22.47 -10.45 12.75
CA LEU E 173 21.90 -10.95 13.98
C LEU E 173 20.62 -10.17 14.22
N PRO E 174 19.68 -10.67 15.01
CA PRO E 174 18.48 -9.92 15.26
C PRO E 174 18.90 -8.67 15.94
N PRO E 175 18.37 -7.53 15.48
CA PRO E 175 18.64 -6.18 15.95
C PRO E 175 18.46 -5.94 17.43
N GLU E 176 18.16 -6.96 18.23
CA GLU E 176 18.00 -6.69 19.65
C GLU E 176 18.64 -7.76 20.46
N THR E 177 19.51 -8.49 19.83
CA THR E 177 20.23 -9.49 20.57
C THR E 177 20.99 -8.76 21.63
N GLU E 178 20.83 -9.23 22.85
CA GLU E 178 21.47 -8.65 24.04
C GLU E 178 22.98 -8.44 23.83
N LEU E 179 23.49 -7.28 24.23
CA LEU E 179 24.90 -7.07 24.06
C LEU E 179 25.57 -7.20 25.42
N SER E 180 24.75 -7.50 26.42
CA SER E 180 25.18 -7.69 27.79
C SER E 180 23.94 -8.08 28.55
N ARG E 181 24.10 -8.39 29.83
CA ARG E 181 22.96 -8.77 30.65
C ARG E 181 23.38 -8.36 32.04
N GLN E 182 22.55 -7.57 32.70
CA GLN E 182 22.91 -7.13 34.04
C GLN E 182 22.15 -7.85 35.13
N MET E 183 22.68 -7.79 36.36
CA MET E 183 22.02 -8.46 37.48
C MET E 183 22.16 -7.63 38.75
N THR E 184 21.09 -6.92 39.11
CA THR E 184 21.11 -6.05 40.28
C THR E 184 21.81 -6.65 41.49
N THR E 185 22.52 -5.79 42.21
CA THR E 185 23.26 -6.20 43.40
C THR E 185 23.45 -5.19 44.51
N SER E 186 23.84 -5.74 45.65
CA SER E 186 24.11 -4.95 46.83
C SER E 186 25.37 -4.16 46.49
N THR E 187 25.48 -2.99 47.06
CA THR E 187 26.63 -2.13 46.78
C THR E 187 27.93 -2.78 47.18
N THR E 188 27.87 -3.74 48.08
CA THR E 188 29.07 -4.42 48.55
C THR E 188 28.93 -5.94 48.78
N SER E 189 28.48 -6.68 47.77
CA SER E 189 28.30 -8.15 47.89
C SER E 189 27.39 -8.75 46.83
N ILE E 190 27.85 -9.78 46.12
CA ILE E 190 26.97 -10.42 45.16
C ILE E 190 26.42 -11.66 45.84
N ASP E 191 25.19 -11.99 45.60
CA ASP E 191 24.64 -13.21 46.16
C ASP E 191 24.97 -14.36 45.22
N ILE E 192 26.09 -14.99 45.51
CA ILE E 192 26.56 -16.12 44.69
C ILE E 192 25.34 -16.92 44.19
N MET E 193 24.53 -17.41 45.12
CA MET E 193 23.34 -18.15 44.77
C MET E 193 22.51 -17.53 43.64
N GLY E 194 22.28 -16.22 43.71
CA GLY E 194 21.51 -15.58 42.68
C GLY E 194 22.27 -15.60 41.36
N LEU E 195 23.51 -15.13 41.40
CA LEU E 195 24.35 -15.12 40.21
C LEU E 195 24.14 -16.38 39.42
N GLN E 196 24.00 -17.52 40.09
CA GLN E 196 23.81 -18.77 39.39
C GLN E 196 22.50 -18.69 38.65
N ALA E 197 21.43 -18.65 39.42
CA ALA E 197 20.07 -18.57 38.89
C ALA E 197 20.02 -17.62 37.72
N ALA E 198 20.83 -16.55 37.85
CA ALA E 198 20.95 -15.50 36.86
C ALA E 198 21.49 -16.10 35.60
N TYR E 199 22.60 -16.79 35.70
CA TYR E 199 23.16 -17.43 34.53
C TYR E 199 22.18 -18.44 33.96
N ALA E 200 21.59 -19.24 34.85
CA ALA E 200 20.63 -20.25 34.44
C ALA E 200 19.65 -19.55 33.48
N ASN E 201 19.10 -18.42 33.93
CA ASN E 201 18.16 -17.67 33.11
C ASN E 201 18.73 -17.30 31.74
N LEU E 202 19.93 -16.73 31.70
CA LEU E 202 20.55 -16.38 30.41
C LEU E 202 20.40 -17.54 29.45
N HIS E 203 21.07 -18.65 29.76
CA HIS E 203 20.98 -19.84 28.91
C HIS E 203 19.59 -20.11 28.36
N THR E 204 18.65 -20.45 29.23
CA THR E 204 17.31 -20.73 28.73
C THR E 204 16.80 -19.60 27.82
N ASP E 205 16.87 -18.36 28.28
CA ASP E 205 16.38 -17.27 27.44
C ASP E 205 16.99 -17.44 26.08
N GLN E 206 18.31 -17.36 26.05
CA GLN E 206 19.08 -17.52 24.84
C GLN E 206 18.40 -18.55 23.94
N GLU E 207 18.63 -19.84 24.20
CA GLU E 207 18.02 -20.92 23.43
C GLU E 207 16.60 -20.60 22.99
N ARG E 208 15.70 -20.64 23.96
CA ARG E 208 14.29 -20.33 23.77
C ARG E 208 14.02 -19.20 22.77
N ASP E 209 15.04 -18.42 22.43
CA ASP E 209 14.84 -17.33 21.47
C ASP E 209 15.19 -17.78 20.08
N TYR E 210 16.34 -18.40 19.98
CA TYR E 210 16.79 -18.96 18.72
C TYR E 210 16.07 -20.30 18.54
N PHE E 211 16.50 -21.24 19.36
CA PHE E 211 15.99 -22.62 19.37
C PHE E 211 14.84 -22.75 20.39
N MET E 212 13.67 -22.54 19.85
CA MET E 212 12.38 -22.52 20.58
C MET E 212 11.61 -21.35 20.01
N GLN E 213 10.30 -21.40 20.12
CA GLN E 213 9.49 -20.31 19.59
C GLN E 213 8.04 -20.69 19.56
N ARG E 214 7.71 -21.64 18.69
CA ARG E 214 6.34 -22.14 18.54
C ARG E 214 5.98 -22.91 19.79
N TYR E 215 4.71 -22.92 20.15
CA TYR E 215 4.31 -23.64 21.35
C TYR E 215 4.90 -25.02 21.35
N ARG E 216 4.60 -25.82 20.32
CA ARG E 216 5.12 -27.17 20.27
C ARG E 216 6.50 -27.20 20.85
N ASP E 217 7.41 -26.51 20.21
CA ASP E 217 8.79 -26.48 20.66
C ASP E 217 8.95 -26.54 22.18
N VAL E 218 8.17 -25.76 22.91
CA VAL E 218 8.29 -25.79 24.34
C VAL E 218 7.76 -27.13 24.83
N ILE E 219 6.46 -27.33 24.66
CA ILE E 219 5.85 -28.57 25.10
C ILE E 219 6.80 -29.70 24.81
N SER E 220 7.42 -29.67 23.64
CA SER E 220 8.30 -30.75 23.23
C SER E 220 9.58 -30.78 24.05
N SER E 221 10.14 -29.62 24.29
CA SER E 221 11.36 -29.55 25.05
C SER E 221 11.15 -30.23 26.39
N PHE E 222 9.91 -30.58 26.72
CA PHE E 222 9.63 -31.24 27.99
C PHE E 222 9.61 -32.72 27.72
N GLY E 223 9.43 -33.10 26.47
CA GLY E 223 9.41 -34.51 26.13
C GLY E 223 8.00 -34.89 25.76
N GLY E 224 7.05 -33.98 25.95
CA GLY E 224 5.70 -34.31 25.59
C GLY E 224 5.60 -33.98 24.12
N LYS E 225 4.48 -34.32 23.55
CA LYS E 225 4.18 -33.98 22.18
C LYS E 225 2.86 -33.26 22.19
N THR E 226 2.54 -32.65 21.09
CA THR E 226 1.28 -31.95 21.02
C THR E 226 0.89 -31.63 19.59
N SER E 227 -0.42 -31.50 19.40
CA SER E 227 -0.99 -31.21 18.11
C SER E 227 -1.38 -29.75 17.93
N TYR E 228 -1.24 -28.94 18.99
CA TYR E 228 -1.62 -27.53 18.89
C TYR E 228 -1.29 -27.04 17.50
N ASP E 229 -2.31 -26.49 16.89
CA ASP E 229 -2.23 -26.04 15.53
C ASP E 229 -2.33 -24.55 15.28
N ALA E 230 -2.96 -23.83 16.20
CA ALA E 230 -3.18 -22.39 16.08
C ALA E 230 -2.16 -21.55 15.36
N ASP E 231 -0.87 -21.76 15.63
CA ASP E 231 0.14 -20.97 14.93
C ASP E 231 -0.25 -20.70 13.46
N ASN E 232 -1.04 -21.62 12.89
CA ASN E 232 -1.54 -21.49 11.52
C ASN E 232 -0.44 -21.57 10.48
N ARG E 233 0.74 -21.92 10.99
CA ARG E 233 1.94 -22.10 10.21
C ARG E 233 1.55 -22.94 9.01
N PRO E 234 1.73 -22.42 7.80
CA PRO E 234 1.35 -23.25 6.66
C PRO E 234 2.30 -24.39 6.39
N LEU E 235 1.78 -25.35 5.62
CA LEU E 235 2.48 -26.55 5.27
C LEU E 235 3.42 -26.41 4.11
N LEU E 236 4.71 -26.46 4.36
CA LEU E 236 5.59 -26.37 3.21
C LEU E 236 5.55 -27.75 2.54
N VAL E 237 5.02 -27.87 1.34
CA VAL E 237 5.03 -29.19 0.75
C VAL E 237 6.22 -29.41 -0.11
N MET E 238 6.66 -28.39 -0.81
CA MET E 238 7.75 -28.66 -1.71
C MET E 238 8.42 -27.42 -2.22
N ARG E 239 9.74 -27.41 -2.25
CA ARG E 239 10.41 -26.23 -2.74
C ARG E 239 11.39 -26.67 -3.77
N SER E 240 11.59 -25.87 -4.80
CA SER E 240 12.56 -26.25 -5.78
C SER E 240 13.20 -24.98 -6.21
N ASN E 241 14.51 -25.00 -6.33
CA ASN E 241 15.24 -23.82 -6.73
C ASN E 241 16.10 -24.17 -7.91
N LEU E 242 16.25 -23.22 -8.82
CA LEU E 242 17.02 -23.42 -10.03
C LEU E 242 17.70 -22.10 -10.34
N TRP E 243 18.80 -22.13 -11.07
CA TRP E 243 19.43 -20.86 -11.48
C TRP E 243 19.02 -20.70 -12.94
N ALA E 244 18.66 -19.49 -13.30
CA ALA E 244 18.14 -19.28 -14.62
C ALA E 244 19.05 -18.65 -15.62
N SER E 245 19.64 -19.42 -16.53
CA SER E 245 20.48 -18.77 -17.51
C SER E 245 20.09 -19.05 -18.92
N GLY E 246 20.52 -18.19 -19.82
CA GLY E 246 20.22 -18.38 -21.21
C GLY E 246 21.47 -18.23 -22.05
N TYR E 247 21.37 -17.49 -23.15
CA TYR E 247 22.47 -17.23 -24.06
C TYR E 247 22.41 -15.78 -24.45
N ASP E 248 23.51 -15.31 -25.01
CA ASP E 248 23.57 -13.95 -25.50
C ASP E 248 23.13 -14.02 -26.96
N VAL E 249 22.66 -12.91 -27.54
CA VAL E 249 22.24 -12.88 -28.93
C VAL E 249 23.21 -11.96 -29.63
N ASP E 250 24.05 -12.54 -30.47
CA ASP E 250 25.08 -11.78 -31.16
C ASP E 250 24.54 -10.72 -32.09
N GLY E 251 25.17 -9.54 -32.03
CA GLY E 251 24.79 -8.40 -32.88
C GLY E 251 25.36 -8.71 -34.28
N THR E 252 24.75 -8.20 -35.35
CA THR E 252 25.21 -8.59 -36.70
C THR E 252 25.00 -7.56 -37.84
N ASP E 253 24.99 -6.28 -37.53
CA ASP E 253 24.81 -5.25 -38.59
C ASP E 253 25.73 -4.07 -38.33
N GLN E 254 26.40 -3.61 -39.37
CA GLN E 254 27.36 -2.50 -39.29
C GLN E 254 27.53 -1.83 -37.95
N THR E 255 26.54 -1.02 -37.58
CA THR E 255 26.57 -0.26 -36.32
C THR E 255 26.93 -1.07 -35.11
N SER E 256 26.36 -2.26 -35.03
CA SER E 256 26.56 -3.08 -33.87
C SER E 256 27.06 -4.51 -34.07
N LEU E 257 28.34 -4.68 -34.43
CA LEU E 257 28.84 -6.03 -34.55
C LEU E 257 29.14 -6.44 -33.13
N GLY E 258 30.24 -5.95 -32.59
CA GLY E 258 30.61 -6.27 -31.21
C GLY E 258 29.53 -6.08 -30.16
N GLN E 259 28.29 -5.87 -30.60
CA GLN E 259 27.18 -5.67 -29.68
C GLN E 259 26.47 -6.95 -29.40
N PHE E 260 25.75 -6.99 -28.28
CA PHE E 260 25.00 -8.19 -27.90
C PHE E 260 23.86 -7.94 -26.93
N SER E 261 22.89 -8.82 -26.92
CA SER E 261 21.82 -8.67 -25.94
C SER E 261 21.64 -10.05 -25.38
N GLY E 262 21.56 -10.15 -24.06
CA GLY E 262 21.40 -11.44 -23.44
C GLY E 262 19.97 -11.89 -23.31
N ARG E 263 19.71 -13.13 -23.68
CA ARG E 263 18.37 -13.68 -23.57
C ARG E 263 18.39 -14.79 -22.53
N VAL E 264 17.50 -14.70 -21.54
CA VAL E 264 17.43 -15.72 -20.51
C VAL E 264 16.28 -16.62 -20.85
N GLN E 265 16.52 -17.92 -20.88
CA GLN E 265 15.44 -18.79 -21.18
C GLN E 265 15.60 -20.11 -20.52
N GLN E 266 15.27 -20.16 -19.24
CA GLN E 266 15.45 -21.38 -18.52
C GLN E 266 14.19 -22.23 -18.56
N THR E 267 14.44 -23.51 -18.66
CA THR E 267 13.40 -24.53 -18.61
C THR E 267 13.43 -25.13 -17.23
N TYR E 268 12.27 -25.40 -16.70
CA TYR E 268 12.20 -25.95 -15.37
C TYR E 268 10.98 -26.79 -15.14
N LYS E 269 11.22 -27.71 -14.24
CA LYS E 269 10.23 -28.63 -13.74
C LYS E 269 10.22 -28.55 -12.23
N HIS E 270 9.03 -28.38 -11.73
CA HIS E 270 8.75 -28.29 -10.31
C HIS E 270 7.61 -29.27 -10.04
N SER E 271 7.91 -30.29 -9.27
CA SER E 271 6.93 -31.37 -9.04
C SER E 271 6.74 -31.69 -7.56
N VAL E 272 5.47 -31.77 -7.21
CA VAL E 272 5.01 -32.13 -5.87
C VAL E 272 4.52 -33.54 -5.90
N PRO E 273 5.22 -34.43 -5.19
CA PRO E 273 4.85 -35.84 -5.14
C PRO E 273 3.61 -35.97 -4.33
N ARG E 274 2.71 -36.82 -4.86
CA ARG E 274 1.40 -37.08 -4.28
C ARG E 274 1.34 -36.82 -2.80
N PHE E 275 0.65 -35.73 -2.45
CA PHE E 275 0.48 -35.35 -1.04
C PHE E 275 -0.99 -35.39 -0.62
N PHE E 276 -1.23 -36.07 0.50
CA PHE E 276 -2.57 -36.27 1.02
C PHE E 276 -3.05 -35.07 1.81
N VAL E 277 -4.20 -34.59 1.38
CA VAL E 277 -4.88 -33.44 1.92
C VAL E 277 -5.73 -33.89 3.12
N PRO E 278 -5.47 -33.36 4.33
CA PRO E 278 -6.26 -33.76 5.49
C PRO E 278 -7.57 -33.06 5.74
N GLU E 279 -7.65 -31.77 5.47
CA GLU E 279 -8.89 -31.01 5.67
C GLU E 279 -9.09 -30.22 4.41
N HIS E 280 -10.29 -29.69 4.17
CA HIS E 280 -10.47 -28.89 2.96
C HIS E 280 -9.47 -27.76 3.07
N GLY E 281 -9.14 -27.11 1.97
CA GLY E 281 -8.17 -26.03 2.03
C GLY E 281 -7.62 -25.54 0.70
N THR E 282 -6.53 -24.78 0.78
CA THR E 282 -5.88 -24.19 -0.38
C THR E 282 -4.44 -24.62 -0.63
N MET E 283 -4.07 -24.75 -1.90
CA MET E 283 -2.69 -25.09 -2.20
C MET E 283 -2.07 -23.98 -3.04
N PHE E 284 -1.36 -23.09 -2.37
CA PHE E 284 -0.68 -22.00 -3.04
C PHE E 284 0.68 -22.53 -3.50
N THR E 285 1.10 -22.10 -4.65
CA THR E 285 2.41 -22.44 -5.20
C THR E 285 2.93 -21.19 -5.89
N LEU E 286 3.76 -20.48 -5.14
CA LEU E 286 4.28 -19.16 -5.54
C LEU E 286 5.71 -19.18 -6.13
N ALA E 287 6.09 -18.09 -6.79
CA ALA E 287 7.44 -17.98 -7.38
C ALA E 287 8.23 -16.80 -6.79
N LEU E 288 9.54 -16.78 -6.97
CA LEU E 288 10.34 -15.70 -6.42
C LEU E 288 11.67 -15.65 -7.12
N VAL E 289 11.87 -14.65 -7.97
CA VAL E 289 13.14 -14.55 -8.69
C VAL E 289 14.02 -13.54 -7.98
N ARG E 290 15.28 -13.88 -7.75
CA ARG E 290 16.22 -12.95 -7.11
C ARG E 290 17.58 -13.04 -7.76
N PHE E 291 18.17 -11.88 -7.90
CA PHE E 291 19.55 -11.77 -8.37
C PHE E 291 20.40 -11.87 -7.13
N PRO E 292 21.52 -12.57 -7.11
CA PRO E 292 22.29 -12.63 -5.90
C PRO E 292 22.74 -11.23 -5.57
N PRO E 293 22.64 -10.85 -4.30
CA PRO E 293 23.02 -9.52 -3.81
C PRO E 293 24.45 -9.06 -4.02
N THR E 294 24.99 -9.10 -5.24
CA THR E 294 26.39 -8.65 -5.43
C THR E 294 26.41 -7.15 -5.66
N ALA E 295 27.13 -6.41 -4.82
CA ALA E 295 27.09 -4.96 -5.00
C ALA E 295 28.38 -4.39 -5.53
N THR E 296 28.35 -3.13 -5.95
CA THR E 296 29.54 -2.56 -6.54
C THR E 296 30.42 -1.83 -5.57
N LYS E 297 29.99 -1.73 -4.33
CA LYS E 297 30.79 -0.96 -3.40
C LYS E 297 31.12 -1.66 -2.08
N GLU E 298 30.74 -2.94 -1.96
CA GLU E 298 30.99 -3.68 -0.72
C GLU E 298 32.48 -3.88 -0.50
N ILE E 299 32.88 -3.93 0.77
CA ILE E 299 34.29 -4.11 1.09
C ILE E 299 34.55 -5.20 2.12
N GLN E 300 35.77 -5.71 2.08
CA GLN E 300 36.17 -6.75 3.01
C GLN E 300 36.17 -6.05 4.37
N TYR E 301 35.25 -6.42 5.25
CA TYR E 301 35.21 -5.76 6.53
C TYR E 301 36.57 -5.54 7.09
N LEU E 302 37.49 -6.45 6.83
CA LEU E 302 38.83 -6.30 7.38
C LEU E 302 39.64 -5.22 6.71
N ASN E 303 39.40 -5.04 5.42
CA ASN E 303 40.13 -4.08 4.68
C ASN E 303 39.58 -2.70 4.86
N ALA E 304 38.29 -2.61 5.17
CA ALA E 304 37.67 -1.29 5.37
C ALA E 304 37.69 -0.74 6.81
N LYS E 305 37.43 -1.58 7.81
CA LYS E 305 37.42 -1.17 9.21
C LYS E 305 38.62 -0.30 9.61
N GLY E 306 39.75 -0.46 8.92
CA GLY E 306 40.93 0.32 9.24
C GLY E 306 41.79 -0.28 10.34
N ALA E 307 42.68 0.52 10.93
CA ALA E 307 43.58 0.07 11.99
C ALA E 307 43.12 -1.23 12.54
N LEU E 308 43.93 -2.25 12.31
CA LEU E 308 43.62 -3.61 12.71
C LEU E 308 44.05 -4.06 14.07
N THR E 309 43.15 -4.68 14.82
CA THR E 309 43.51 -5.12 16.16
C THR E 309 43.46 -6.63 16.44
N TYR E 310 44.28 -7.07 17.39
CA TYR E 310 44.35 -8.48 17.74
C TYR E 310 43.05 -9.27 17.71
N THR E 311 41.94 -8.75 18.15
CA THR E 311 40.74 -9.58 18.10
C THR E 311 40.27 -9.71 16.64
N ASP E 312 40.43 -8.65 15.88
CA ASP E 312 39.97 -8.61 14.49
C ASP E 312 40.83 -9.45 13.53
N ILE E 313 42.07 -9.73 13.87
CA ILE E 313 42.93 -10.43 12.94
C ILE E 313 43.40 -11.73 13.51
N ALA E 314 43.71 -11.74 14.78
CA ALA E 314 44.21 -12.96 15.40
C ALA E 314 43.34 -14.12 15.06
N GLY E 315 42.04 -13.90 15.14
CA GLY E 315 41.12 -14.96 14.84
C GLY E 315 41.26 -15.99 15.91
N ASP E 316 41.47 -15.53 17.15
CA ASP E 316 41.62 -16.41 18.29
C ASP E 316 40.28 -16.91 18.85
N PRO E 317 39.92 -18.16 18.57
CA PRO E 317 38.70 -18.82 18.98
C PRO E 317 38.22 -18.56 20.40
N VAL E 318 39.14 -18.47 21.34
CA VAL E 318 38.73 -18.21 22.71
C VAL E 318 38.00 -16.88 22.83
N LEU E 319 38.55 -15.84 22.21
CA LEU E 319 37.96 -14.53 22.28
C LEU E 319 36.61 -14.50 21.62
N TYR E 320 36.60 -14.85 20.33
CA TYR E 320 35.37 -14.91 19.58
C TYR E 320 34.50 -15.86 20.33
N GLY E 321 35.17 -16.71 21.08
CA GLY E 321 34.46 -17.71 21.83
C GLY E 321 33.33 -17.07 22.58
N ASN E 322 33.72 -16.41 23.65
CA ASN E 322 32.81 -15.77 24.58
C ASN E 322 33.09 -14.28 24.60
N LEU E 323 32.62 -13.70 23.52
CA LEU E 323 32.69 -12.26 23.24
C LEU E 323 31.38 -11.90 22.59
N PRO E 324 30.53 -11.08 23.20
CA PRO E 324 29.25 -10.78 22.62
C PRO E 324 29.31 -10.04 21.29
N PRO E 325 28.27 -10.15 20.47
CA PRO E 325 28.09 -9.54 19.16
C PRO E 325 28.74 -8.22 19.12
N ARG E 326 29.28 -7.87 17.96
CA ARG E 326 29.91 -6.59 17.78
C ARG E 326 28.91 -5.70 17.08
N GLU E 327 29.16 -4.41 17.03
CA GLU E 327 28.20 -3.58 16.37
C GLU E 327 28.75 -2.93 15.10
N ILE E 328 29.05 -3.74 14.08
CA ILE E 328 29.54 -3.20 12.80
C ILE E 328 28.57 -2.09 12.35
N SER E 329 28.96 -1.34 11.33
CA SER E 329 28.13 -0.29 10.77
C SER E 329 28.34 -0.26 9.27
N MET E 330 27.27 -0.28 8.49
CA MET E 330 27.36 -0.21 7.03
C MET E 330 28.62 0.46 6.43
N LYS E 331 29.15 1.48 7.09
CA LYS E 331 30.33 2.16 6.53
C LYS E 331 31.55 1.24 6.59
N ASP E 332 31.47 0.23 7.45
CA ASP E 332 32.54 -0.75 7.63
C ASP E 332 32.52 -1.83 6.59
N VAL E 333 31.59 -1.77 5.66
CA VAL E 333 31.55 -2.81 4.68
C VAL E 333 31.07 -2.32 3.35
N PHE E 334 30.91 -1.02 3.25
CA PHE E 334 30.48 -0.47 2.00
C PHE E 334 31.26 0.76 1.72
N ARG E 335 31.48 0.94 0.45
CA ARG E 335 32.30 2.03 0.00
C ARG E 335 31.80 3.39 0.38
N SER E 336 30.52 3.52 0.71
CA SER E 336 30.08 4.84 1.07
C SER E 336 28.88 4.75 1.96
N GLY E 337 28.91 3.79 2.84
CA GLY E 337 27.81 3.56 3.76
C GLY E 337 27.60 4.61 4.82
N ASP E 338 26.36 4.66 5.30
CA ASP E 338 25.94 5.61 6.32
C ASP E 338 26.32 5.13 7.71
N SER E 339 27.46 5.58 8.20
CA SER E 339 27.90 5.15 9.51
C SER E 339 26.79 5.24 10.57
N SER E 340 25.80 6.09 10.34
CA SER E 340 24.72 6.23 11.29
C SER E 340 23.96 4.91 11.49
N LYS E 341 23.88 4.10 10.45
CA LYS E 341 23.17 2.81 10.53
C LYS E 341 24.15 1.73 10.96
N LYS E 342 23.84 1.05 12.06
CA LYS E 342 24.71 -0.03 12.52
C LYS E 342 23.92 -1.33 12.67
N PHE E 343 24.58 -2.46 12.49
CA PHE E 343 23.92 -3.74 12.69
C PHE E 343 24.80 -4.62 13.63
N LYS E 344 24.27 -5.76 14.07
CA LYS E 344 25.05 -6.60 14.99
C LYS E 344 25.59 -7.83 14.29
N ILE E 345 26.87 -8.06 14.45
CA ILE E 345 27.52 -9.19 13.81
C ILE E 345 28.00 -10.15 14.88
N ALA E 346 28.25 -11.41 14.50
CA ALA E 346 28.76 -12.41 15.46
C ALA E 346 30.31 -12.29 15.41
N GLU E 347 30.86 -11.72 16.47
CA GLU E 347 32.30 -11.38 16.63
C GLU E 347 33.24 -11.89 15.48
N GLY E 348 33.30 -13.19 15.25
CA GLY E 348 34.25 -13.76 14.26
C GLY E 348 33.75 -13.71 12.79
N GLN E 349 32.51 -13.32 12.65
CA GLN E 349 31.80 -13.30 11.35
C GLN E 349 32.66 -12.94 10.11
N TRP E 350 33.62 -12.04 10.23
CA TRP E 350 34.40 -11.63 9.03
C TRP E 350 35.20 -12.78 8.46
N TYR E 351 35.64 -13.70 9.30
CA TYR E 351 36.43 -14.83 8.80
C TYR E 351 35.46 -15.96 8.50
N ARG E 352 34.25 -15.64 8.07
CA ARG E 352 33.30 -16.69 7.79
C ARG E 352 32.54 -16.29 6.54
N TYR E 353 32.85 -15.12 6.02
CA TYR E 353 32.18 -14.63 4.87
C TYR E 353 33.20 -14.03 3.91
N ALA E 354 32.85 -14.04 2.66
CA ALA E 354 33.69 -13.50 1.60
C ALA E 354 32.78 -12.78 0.62
N PRO E 355 32.79 -11.45 0.60
CA PRO E 355 31.94 -10.70 -0.28
C PRO E 355 32.40 -10.88 -1.68
N SER E 356 31.43 -10.79 -2.58
CA SER E 356 31.69 -10.91 -4.00
C SER E 356 32.45 -9.66 -4.37
N TYR E 357 32.97 -9.55 -5.58
CA TYR E 357 33.73 -8.35 -5.87
C TYR E 357 33.57 -7.82 -7.26
N VAL E 358 33.16 -6.57 -7.39
CA VAL E 358 32.97 -6.04 -8.74
C VAL E 358 33.89 -4.87 -9.07
N SER E 359 34.96 -5.09 -9.83
CA SER E 359 35.83 -3.97 -10.15
C SER E 359 35.11 -2.75 -10.71
N PRO E 360 35.44 -1.59 -10.16
CA PRO E 360 34.93 -0.26 -10.45
C PRO E 360 34.57 -0.03 -11.90
N ALA E 361 35.32 -0.63 -12.82
CA ALA E 361 35.02 -0.46 -14.23
C ALA E 361 33.54 -0.59 -14.51
N TYR E 362 32.87 -1.65 -14.05
CA TYR E 362 31.45 -1.70 -14.30
C TYR E 362 30.72 -0.65 -13.50
N HIS E 363 31.20 -0.42 -12.29
CA HIS E 363 30.49 0.50 -11.43
C HIS E 363 29.51 1.43 -12.12
N LEU E 364 29.99 2.41 -12.84
CA LEU E 364 29.06 3.34 -13.46
C LEU E 364 28.66 3.01 -14.88
N LEU E 365 28.30 1.77 -15.13
CA LEU E 365 27.85 1.43 -16.47
C LEU E 365 26.37 1.15 -16.41
N GLU E 366 25.76 1.05 -17.56
CA GLU E 366 24.34 0.77 -17.54
C GLU E 366 24.05 -0.68 -18.00
N GLY E 367 23.30 -1.42 -17.16
CA GLY E 367 22.79 -2.76 -17.56
C GLY E 367 23.37 -3.98 -16.78
N PHE E 368 23.94 -3.79 -15.60
CA PHE E 368 24.45 -4.94 -14.81
C PHE E 368 23.62 -5.08 -13.56
N PRO E 369 22.97 -6.22 -13.35
CA PRO E 369 22.18 -6.30 -12.13
C PRO E 369 22.92 -6.26 -10.78
N PHE E 370 24.14 -5.73 -10.74
CA PHE E 370 24.80 -5.57 -9.45
C PHE E 370 24.04 -4.58 -8.55
N ILE E 371 24.23 -4.60 -7.24
CA ILE E 371 23.55 -3.62 -6.38
C ILE E 371 24.41 -2.36 -6.44
N GLN E 372 23.93 -1.36 -7.15
CA GLN E 372 24.75 -0.15 -7.33
C GLN E 372 25.34 0.51 -6.09
N GLU E 373 24.56 1.35 -5.41
CA GLU E 373 24.98 2.03 -4.16
C GLU E 373 24.46 1.18 -3.00
N PRO E 374 25.06 1.27 -1.81
CA PRO E 374 24.49 0.41 -0.77
C PRO E 374 23.21 0.91 -0.18
N PRO E 375 22.36 0.00 0.21
CA PRO E 375 21.07 0.29 0.81
C PRO E 375 21.26 1.42 1.81
N SER E 376 20.15 1.97 2.31
CA SER E 376 20.22 3.17 3.18
C SER E 376 19.40 3.09 4.50
N GLY E 377 18.13 2.78 4.36
CA GLY E 377 17.17 2.76 5.49
C GLY E 377 17.62 1.93 6.68
N ASP E 378 16.66 1.27 7.30
CA ASP E 378 16.99 0.43 8.43
C ASP E 378 17.26 -1.03 8.09
N LEU E 379 17.59 -1.81 9.11
CA LEU E 379 17.86 -3.21 8.90
C LEU E 379 16.64 -4.02 8.47
N GLN E 380 15.65 -3.33 7.97
CA GLN E 380 14.51 -3.99 7.36
C GLN E 380 14.47 -3.55 5.92
N GLU E 381 14.33 -2.25 5.82
CA GLU E 381 14.32 -1.58 4.53
C GLU E 381 15.63 -1.91 3.82
N ARG E 382 16.72 -2.05 4.57
CA ARG E 382 18.00 -2.35 3.94
C ARG E 382 17.98 -3.79 3.46
N VAL E 383 17.52 -4.67 4.35
CA VAL E 383 17.42 -6.08 4.09
C VAL E 383 16.49 -6.42 2.93
N LEU E 384 15.27 -5.87 2.89
CA LEU E 384 14.33 -6.18 1.81
C LEU E 384 14.81 -5.73 0.43
N ILE E 385 14.13 -6.14 -0.64
CA ILE E 385 14.58 -5.79 -2.00
C ILE E 385 13.80 -4.73 -2.75
N ARG E 386 14.51 -3.78 -3.32
CA ARG E 386 13.86 -2.68 -4.06
C ARG E 386 13.83 -3.15 -5.47
N HIS E 387 12.68 -3.57 -5.96
CA HIS E 387 12.66 -4.06 -7.31
C HIS E 387 12.97 -3.04 -8.40
N HIS E 388 12.79 -1.75 -8.14
CA HIS E 388 13.06 -0.73 -9.15
C HIS E 388 14.51 -0.79 -9.53
N ASP E 389 15.33 -1.07 -8.54
CA ASP E 389 16.74 -1.14 -8.80
C ASP E 389 17.16 -1.93 -10.02
N TYR E 390 16.35 -2.89 -10.45
CA TYR E 390 16.70 -3.67 -11.63
C TYR E 390 16.16 -3.20 -12.98
N ASP E 391 15.13 -2.36 -12.95
CA ASP E 391 14.53 -1.86 -14.18
C ASP E 391 15.62 -1.42 -15.13
N GLN E 392 16.68 -0.92 -14.53
CA GLN E 392 17.78 -0.42 -15.30
C GLN E 392 18.43 -1.42 -16.21
N CYS E 393 18.42 -2.71 -15.87
CA CYS E 393 19.08 -3.64 -16.78
C CYS E 393 18.20 -4.20 -17.91
N PHE E 394 17.08 -3.57 -18.21
CA PHE E 394 16.19 -4.16 -19.23
C PHE E 394 15.71 -3.19 -20.31
N GLN E 395 15.81 -3.70 -21.54
CA GLN E 395 15.35 -3.01 -22.75
C GLN E 395 13.89 -2.68 -22.58
N SER E 396 13.20 -3.36 -21.66
CA SER E 396 11.78 -3.07 -21.49
C SER E 396 11.05 -3.85 -20.40
N VAL E 397 10.35 -3.14 -19.55
CA VAL E 397 9.62 -3.77 -18.50
C VAL E 397 8.16 -3.74 -18.86
N GLN E 398 7.90 -3.85 -20.15
CA GLN E 398 6.53 -3.84 -20.64
C GLN E 398 5.73 -5.04 -20.16
N LEU E 399 6.44 -6.10 -19.98
CA LEU E 399 5.90 -7.35 -19.48
C LEU E 399 6.58 -7.64 -18.15
N LEU E 400 6.72 -6.57 -17.40
CA LEU E 400 7.40 -6.61 -16.10
C LEU E 400 8.82 -7.11 -16.34
N GLN E 401 9.45 -7.61 -15.29
CA GLN E 401 10.82 -8.12 -15.39
C GLN E 401 10.94 -9.57 -15.86
N TRP E 402 10.29 -10.50 -15.14
CA TRP E 402 10.33 -11.90 -15.54
C TRP E 402 8.92 -12.45 -15.78
N ASN E 403 8.77 -12.98 -16.99
CA ASN E 403 7.55 -13.64 -17.45
C ASN E 403 7.90 -15.11 -17.63
N SER E 404 6.91 -15.97 -17.68
CA SER E 404 7.18 -17.40 -17.82
C SER E 404 5.96 -18.21 -18.21
N GLN E 405 6.12 -19.12 -19.17
CA GLN E 405 4.99 -19.95 -19.58
C GLN E 405 5.18 -21.30 -18.93
N VAL E 406 4.10 -21.92 -18.49
CA VAL E 406 4.19 -23.21 -17.81
C VAL E 406 2.91 -24.00 -17.80
N LYS E 407 3.00 -25.32 -17.95
CA LYS E 407 1.79 -26.11 -17.84
C LYS E 407 1.77 -26.73 -16.47
N PHE E 408 0.71 -26.45 -15.75
CA PHE E 408 0.53 -26.95 -14.41
C PHE E 408 -0.19 -28.30 -14.51
N ASN E 409 0.58 -29.35 -14.69
CA ASN E 409 0.04 -30.70 -14.80
C ASN E 409 -0.37 -31.20 -13.43
N VAL E 410 -1.66 -31.04 -13.12
CA VAL E 410 -2.17 -31.38 -11.82
C VAL E 410 -3.30 -32.37 -11.75
N THR E 411 -3.07 -33.52 -11.13
CA THR E 411 -4.16 -34.49 -11.04
C THR E 411 -4.52 -34.54 -9.59
N VAL E 412 -5.74 -34.93 -9.30
CA VAL E 412 -6.14 -35.00 -7.92
C VAL E 412 -7.09 -36.16 -7.73
N TYR E 413 -6.71 -37.07 -6.84
CA TYR E 413 -7.53 -38.21 -6.56
C TYR E 413 -8.51 -37.77 -5.54
N ARG E 414 -9.71 -37.45 -5.99
CA ARG E 414 -10.76 -36.95 -5.12
C ARG E 414 -12.05 -37.66 -5.40
N ASN E 415 -13.11 -37.29 -4.70
CA ASN E 415 -14.37 -37.93 -4.98
C ASN E 415 -15.54 -36.98 -4.99
N LEU E 416 -16.06 -36.97 -6.18
CA LEU E 416 -17.24 -36.28 -6.59
C LEU E 416 -18.06 -37.26 -7.37
N PRO E 417 -19.37 -37.21 -7.37
CA PRO E 417 -20.12 -38.17 -8.11
C PRO E 417 -19.81 -37.99 -9.60
N THR E 418 -20.39 -38.86 -10.41
CA THR E 418 -20.21 -38.77 -11.84
C THR E 418 -21.18 -37.73 -12.29
N THR E 419 -21.13 -37.47 -13.58
CA THR E 419 -22.01 -36.54 -14.24
C THR E 419 -23.38 -37.22 -14.29
N ARG E 420 -23.44 -38.35 -13.60
CA ARG E 420 -24.63 -39.16 -13.46
C ARG E 420 -25.27 -38.75 -12.15
N ASP E 421 -26.54 -38.39 -12.23
CA ASP E 421 -27.27 -37.84 -11.10
C ASP E 421 -26.78 -36.42 -10.92
N SER E 422 -25.45 -36.30 -10.93
CA SER E 422 -24.79 -34.99 -10.92
C SER E 422 -25.37 -34.25 -12.11
N ILE E 423 -25.88 -35.04 -13.07
CA ILE E 423 -26.56 -34.47 -14.22
C ILE E 423 -27.88 -35.25 -14.44
N MET E 424 -27.92 -36.45 -13.87
CA MET E 424 -29.07 -37.39 -14.01
C MET E 424 -29.85 -37.57 -12.69
N THR E 425 -30.51 -36.51 -12.34
CA THR E 425 -31.34 -36.33 -11.12
C THR E 425 -31.89 -37.60 -10.48
N SER E 426 -32.63 -38.39 -11.25
CA SER E 426 -33.20 -39.61 -10.72
C SER E 426 -32.10 -40.65 -10.53
N MET F 1 13.20 -1.06 -56.92
CA MET F 1 13.72 -1.52 -55.59
C MET F 1 12.68 -1.90 -54.54
N PHE F 2 13.14 -2.15 -53.33
CA PHE F 2 12.26 -2.55 -52.28
C PHE F 2 11.56 -1.38 -51.64
N GLN F 3 10.28 -1.58 -51.37
CA GLN F 3 9.45 -0.58 -50.74
C GLN F 3 9.99 -0.41 -49.36
N THR F 4 9.94 0.80 -48.85
CA THR F 4 10.46 1.04 -47.51
C THR F 4 9.38 0.63 -46.56
N PHE F 5 9.69 0.42 -45.29
CA PHE F 5 8.59 0.07 -44.41
C PHE F 5 8.80 0.59 -43.02
N ILE F 6 9.29 1.80 -42.96
CA ILE F 6 9.52 2.39 -41.67
C ILE F 6 9.43 3.89 -41.74
N SER F 7 8.84 4.53 -40.74
CA SER F 7 8.76 5.98 -40.73
C SER F 7 8.89 6.52 -39.36
N ARG F 8 9.22 7.80 -39.27
CA ARG F 8 9.35 8.34 -37.95
C ARG F 8 7.95 8.65 -37.45
N HIS F 9 6.99 8.62 -38.35
CA HIS F 9 5.64 8.94 -37.95
C HIS F 9 4.52 8.27 -38.67
N ASN F 10 3.58 7.78 -37.87
CA ASN F 10 2.43 7.09 -38.43
C ASN F 10 1.12 7.72 -38.01
N SER F 11 0.44 8.32 -38.99
CA SER F 11 -0.78 8.99 -38.67
C SER F 11 -1.95 8.06 -38.54
N ASN F 12 -2.90 8.52 -37.74
CA ASN F 12 -4.14 7.84 -37.49
C ASN F 12 -4.92 7.93 -38.81
N PHE F 13 -5.69 6.90 -39.11
CA PHE F 13 -6.44 6.83 -40.36
C PHE F 13 -7.65 7.75 -40.37
N PHE F 14 -7.82 8.49 -39.29
CA PHE F 14 -8.95 9.41 -39.17
C PHE F 14 -8.57 10.83 -38.81
N SER F 15 -8.78 11.75 -39.75
CA SER F 15 -8.44 13.17 -39.52
C SER F 15 -9.59 13.98 -38.95
N ASP F 16 -9.26 15.12 -38.36
CA ASP F 16 -10.26 15.99 -37.76
C ASP F 16 -10.15 17.44 -38.21
N LYS F 17 -11.28 17.99 -38.63
CA LYS F 17 -11.30 19.36 -39.08
C LYS F 17 -11.23 20.28 -37.87
N LEU F 18 -10.33 21.27 -37.92
CA LEU F 18 -10.20 22.22 -36.83
C LEU F 18 -11.49 22.98 -36.82
N VAL F 19 -12.23 22.89 -35.72
CA VAL F 19 -13.49 23.59 -35.64
C VAL F 19 -13.37 25.10 -35.46
N LEU F 20 -12.59 25.54 -34.48
CA LEU F 20 -12.40 26.97 -34.24
C LEU F 20 -11.70 27.62 -35.46
N THR F 21 -11.89 28.95 -35.60
CA THR F 21 -11.41 29.68 -36.80
C THR F 21 -10.40 30.81 -36.54
N SER F 22 -10.32 31.30 -35.33
CA SER F 22 -9.36 32.39 -35.01
C SER F 22 -8.54 31.95 -33.80
N VAL F 23 -7.26 32.10 -33.96
CA VAL F 23 -6.32 31.78 -32.90
C VAL F 23 -5.52 33.02 -32.63
N THR F 24 -5.30 33.27 -31.37
CA THR F 24 -4.55 34.44 -30.99
C THR F 24 -3.32 34.08 -30.18
N PRO F 25 -2.16 34.07 -30.82
CA PRO F 25 -0.87 33.73 -30.20
C PRO F 25 -0.83 34.27 -28.81
N ALA F 26 0.05 33.73 -27.97
CA ALA F 26 0.10 34.19 -26.59
C ALA F 26 1.03 33.40 -25.70
N SER F 27 1.46 34.06 -24.63
CA SER F 27 2.33 33.46 -23.64
C SER F 27 1.67 32.24 -23.05
N SER F 28 0.37 32.32 -23.04
CA SER F 28 -0.47 31.24 -22.58
C SER F 28 -1.00 30.52 -23.81
N ALA F 29 -0.04 30.09 -24.61
CA ALA F 29 -0.33 29.37 -25.84
C ALA F 29 -1.68 28.71 -25.67
N PRO F 30 -2.59 28.99 -26.58
CA PRO F 30 -3.91 28.39 -26.50
C PRO F 30 -3.79 27.01 -27.12
N VAL F 31 -4.68 26.12 -26.67
CA VAL F 31 -4.74 24.76 -27.15
C VAL F 31 -5.73 24.76 -28.32
N LEU F 32 -5.20 24.78 -29.54
CA LEU F 32 -6.05 24.82 -30.76
C LEU F 32 -7.30 23.96 -30.78
N GLN F 33 -7.47 23.03 -29.81
CA GLN F 33 -8.69 22.18 -29.76
C GLN F 33 -8.59 20.91 -28.89
N THR F 34 -9.44 20.90 -27.84
CA THR F 34 -9.58 19.78 -26.86
C THR F 34 -8.79 18.58 -27.30
N PRO F 35 -7.83 18.17 -26.49
CA PRO F 35 -7.06 17.04 -26.95
C PRO F 35 -7.75 15.70 -26.89
N LYS F 36 -7.36 14.86 -27.83
CA LYS F 36 -7.90 13.52 -27.94
C LYS F 36 -6.95 12.49 -27.35
N ALA F 37 -7.51 11.28 -27.20
CA ALA F 37 -6.82 10.10 -26.71
C ALA F 37 -5.31 10.05 -26.83
N THR F 38 -4.78 9.30 -27.78
CA THR F 38 -3.34 9.17 -27.86
C THR F 38 -2.68 9.44 -29.18
N SER F 39 -3.50 9.63 -30.20
CA SER F 39 -3.00 10.00 -31.53
C SER F 39 -4.12 10.65 -32.29
N SER F 40 -3.82 11.73 -33.00
CA SER F 40 -4.85 12.42 -33.75
C SER F 40 -4.25 13.27 -34.84
N THR F 41 -5.11 13.66 -35.76
CA THR F 41 -4.66 14.49 -36.84
C THR F 41 -5.69 15.56 -37.09
N LEU F 42 -5.18 16.79 -36.92
CA LEU F 42 -5.92 18.02 -37.06
C LEU F 42 -5.57 18.68 -38.37
N TYR F 43 -6.57 19.22 -39.06
CA TYR F 43 -6.30 19.93 -40.31
C TYR F 43 -7.26 21.09 -40.55
N PHE F 44 -6.70 22.28 -40.64
CA PHE F 44 -7.48 23.48 -40.84
C PHE F 44 -7.20 24.08 -42.20
N ASP F 45 -8.22 24.54 -42.89
CA ASP F 45 -7.96 25.10 -44.21
C ASP F 45 -7.94 26.63 -44.21
N SER F 46 -8.17 27.20 -43.03
CA SER F 46 -8.16 28.64 -42.87
C SER F 46 -8.29 29.07 -41.42
N LEU F 47 -7.15 29.06 -40.79
CA LEU F 47 -7.01 29.52 -39.42
C LEU F 47 -6.39 30.92 -39.50
N THR F 48 -7.03 31.84 -38.82
CA THR F 48 -6.57 33.22 -38.78
C THR F 48 -5.87 33.48 -37.47
N VAL F 49 -4.68 34.03 -37.59
CA VAL F 49 -3.85 34.34 -36.43
C VAL F 49 -3.88 35.82 -36.12
N ASN F 50 -4.65 36.14 -35.11
CA ASN F 50 -4.72 37.52 -34.62
C ASN F 50 -3.34 37.87 -34.10
N ALA F 51 -2.81 38.96 -34.61
CA ALA F 51 -1.49 39.41 -34.20
C ALA F 51 -1.43 39.38 -32.67
N GLY F 52 -0.29 38.95 -32.21
CA GLY F 52 0.02 38.82 -30.79
C GLY F 52 1.37 38.13 -30.70
N ASN F 53 1.91 38.12 -29.51
CA ASN F 53 3.22 37.51 -29.33
C ASN F 53 3.18 36.32 -28.39
N GLY F 54 3.30 35.13 -28.94
CA GLY F 54 3.29 33.93 -28.12
C GLY F 54 3.27 32.67 -28.96
N GLY F 55 2.17 31.94 -28.89
CA GLY F 55 2.12 30.74 -29.68
C GLY F 55 0.87 29.92 -29.36
N PHE F 56 0.42 29.24 -30.40
CA PHE F 56 -0.70 28.31 -30.33
C PHE F 56 -0.15 26.93 -30.70
N LEU F 57 -0.57 25.92 -29.96
CA LEU F 57 -0.05 24.58 -30.19
C LEU F 57 -1.16 23.54 -30.38
N HIS F 58 -0.80 22.28 -30.64
CA HIS F 58 -1.80 21.21 -30.79
C HIS F 58 -1.38 20.00 -29.94
N CYS F 59 -2.39 19.39 -29.32
CA CYS F 59 -2.18 18.32 -28.33
C CYS F 59 -2.68 16.93 -28.73
N ILE F 60 -2.24 16.05 -27.85
CA ILE F 60 -2.50 14.60 -27.79
C ILE F 60 -2.28 14.20 -26.34
N GLN F 61 -3.22 13.46 -25.78
CA GLN F 61 -3.08 13.02 -24.38
C GLN F 61 -2.30 11.71 -24.31
N MET F 62 -1.30 11.74 -23.48
CA MET F 62 -0.42 10.59 -23.28
C MET F 62 -1.19 9.47 -22.59
N ASP F 63 -1.43 8.40 -23.33
CA ASP F 63 -2.05 7.21 -22.75
C ASP F 63 -0.96 6.53 -21.92
N THR F 64 -1.23 6.48 -20.64
CA THR F 64 -0.25 5.99 -19.66
C THR F 64 -0.57 4.59 -19.12
N SER F 65 -1.15 3.74 -19.95
CA SER F 65 -1.58 2.39 -19.54
C SER F 65 -0.45 1.34 -19.59
N VAL F 66 0.51 1.52 -20.47
CA VAL F 66 1.62 0.54 -20.62
C VAL F 66 2.74 0.82 -19.62
N ASN F 67 3.25 -0.23 -18.97
CA ASN F 67 4.31 -0.05 -18.00
C ASN F 67 5.55 0.38 -18.77
N ALA F 68 5.80 1.69 -18.80
CA ALA F 68 6.93 2.17 -19.55
C ALA F 68 6.96 3.67 -19.57
N ALA F 69 7.90 4.23 -18.84
CA ALA F 69 7.98 5.67 -18.77
C ALA F 69 8.47 6.36 -20.06
N ASN F 70 9.52 5.86 -20.71
CA ASN F 70 9.95 6.57 -21.90
C ASN F 70 9.41 6.00 -23.22
N GLN F 71 8.32 6.56 -23.74
CA GLN F 71 7.79 6.10 -25.03
C GLN F 71 8.15 7.11 -26.13
N VAL F 72 7.78 6.80 -27.39
CA VAL F 72 8.12 7.66 -28.52
C VAL F 72 6.98 8.47 -29.08
N VAL F 73 7.12 9.79 -29.16
CA VAL F 73 6.05 10.62 -29.75
C VAL F 73 6.50 11.13 -31.10
N SER F 74 5.59 11.20 -32.05
CA SER F 74 5.97 11.65 -33.35
C SER F 74 4.95 12.64 -33.86
N VAL F 75 5.46 13.60 -34.61
CA VAL F 75 4.63 14.62 -35.19
C VAL F 75 4.95 14.78 -36.66
N GLY F 76 3.89 14.79 -37.43
CA GLY F 76 3.94 14.98 -38.87
C GLY F 76 2.96 16.09 -39.21
N ALA F 77 3.47 17.14 -39.82
CA ALA F 77 2.63 18.28 -40.14
C ALA F 77 3.22 19.19 -41.22
N ASP F 78 2.30 19.80 -41.99
CA ASP F 78 2.62 20.69 -43.08
C ASP F 78 1.83 21.98 -42.92
N ILE F 79 2.51 23.10 -42.72
CA ILE F 79 1.75 24.33 -42.57
C ILE F 79 2.23 25.52 -43.39
N ALA F 80 1.22 26.19 -43.97
CA ALA F 80 1.39 27.37 -44.80
C ALA F 80 0.79 28.61 -44.15
N PHE F 81 1.68 29.54 -43.92
CA PHE F 81 1.34 30.87 -43.39
C PHE F 81 1.35 31.83 -44.58
N ASP F 82 0.37 32.69 -44.61
CA ASP F 82 0.24 33.65 -45.71
C ASP F 82 1.37 34.65 -45.68
N ALA F 83 1.81 34.93 -44.46
CA ALA F 83 2.90 35.85 -44.20
C ALA F 83 4.02 35.08 -43.56
N ASP F 84 5.25 35.59 -43.55
CA ASP F 84 6.30 34.82 -42.92
C ASP F 84 6.61 35.23 -41.49
N PRO F 85 5.81 34.85 -40.50
CA PRO F 85 6.13 35.13 -39.13
C PRO F 85 7.39 34.39 -38.73
N LYS F 86 8.52 35.09 -38.75
CA LYS F 86 9.79 34.48 -38.33
C LYS F 86 9.54 33.75 -37.02
N PHE F 87 9.11 32.49 -37.10
CA PHE F 87 8.74 31.69 -35.93
C PHE F 87 9.42 30.35 -35.80
N PHE F 88 9.56 29.89 -34.58
CA PHE F 88 10.17 28.59 -34.41
C PHE F 88 9.10 27.58 -34.09
N ALA F 89 9.46 26.31 -34.21
CA ALA F 89 8.55 25.23 -33.95
C ALA F 89 9.19 24.31 -32.93
N CYS F 90 8.40 23.41 -32.36
CA CYS F 90 8.94 22.49 -31.38
C CYS F 90 7.81 21.60 -30.84
N LEU F 91 8.25 20.50 -30.27
CA LEU F 91 7.38 19.53 -29.59
C LEU F 91 7.29 19.98 -28.13
N VAL F 92 6.09 20.08 -27.59
CA VAL F 92 5.96 20.52 -26.19
C VAL F 92 5.39 19.44 -25.30
N ARG F 93 5.87 19.43 -24.05
CA ARG F 93 5.46 18.41 -23.09
C ARG F 93 4.97 19.04 -21.81
N PHE F 94 3.69 19.33 -21.75
CA PHE F 94 3.14 19.95 -20.55
C PHE F 94 2.10 19.11 -19.87
N GLU F 95 2.20 18.93 -18.55
CA GLU F 95 1.15 18.15 -17.92
C GLU F 95 0.15 19.12 -17.33
N SER F 96 -1.00 18.57 -16.96
CA SER F 96 -2.10 19.32 -16.35
C SER F 96 -3.01 18.36 -15.61
N SER F 97 -3.71 18.88 -14.60
CA SER F 97 -4.60 18.06 -13.80
C SER F 97 -6.01 18.07 -14.38
N SER F 98 -6.23 18.93 -15.36
CA SER F 98 -7.54 19.04 -15.96
C SER F 98 -7.37 19.38 -17.45
N VAL F 99 -8.42 19.17 -18.21
CA VAL F 99 -8.37 19.42 -19.66
C VAL F 99 -7.71 20.75 -19.96
N PRO F 100 -6.64 20.74 -20.72
CA PRO F 100 -6.02 22.02 -20.98
C PRO F 100 -6.66 22.77 -22.11
N THR F 101 -6.41 24.08 -22.12
CA THR F 101 -6.93 25.02 -23.12
C THR F 101 -5.79 25.97 -23.44
N THR F 102 -4.69 25.80 -22.69
CA THR F 102 -3.53 26.66 -22.82
C THR F 102 -2.27 26.07 -22.22
N LEU F 103 -1.22 26.13 -23.01
CA LEU F 103 0.12 25.69 -22.56
C LEU F 103 0.41 26.45 -21.28
N PRO F 104 0.33 25.79 -20.14
CA PRO F 104 0.50 26.44 -18.87
C PRO F 104 1.89 26.99 -18.58
N THR F 105 2.03 27.46 -17.35
CA THR F 105 3.24 28.05 -16.77
C THR F 105 4.53 27.34 -16.99
N ALA F 106 4.53 26.05 -16.67
CA ALA F 106 5.74 25.27 -16.85
C ALA F 106 5.50 24.25 -17.93
N TYR F 107 6.43 24.19 -18.86
CA TYR F 107 6.32 23.25 -19.96
C TYR F 107 7.73 22.93 -20.40
N ASP F 108 7.90 21.90 -21.24
CA ASP F 108 9.23 21.53 -21.73
C ASP F 108 9.22 21.41 -23.23
N VAL F 109 10.31 21.86 -23.83
CA VAL F 109 10.39 21.92 -25.27
C VAL F 109 11.55 21.17 -25.93
N TYR F 110 11.23 20.47 -27.02
CA TYR F 110 12.22 19.67 -27.72
C TYR F 110 12.33 19.98 -29.20
N PRO F 111 13.55 19.97 -29.76
CA PRO F 111 13.84 20.25 -31.17
C PRO F 111 13.33 19.24 -32.14
N LEU F 112 12.77 19.69 -33.26
CA LEU F 112 12.21 18.81 -34.28
C LEU F 112 12.81 19.02 -35.65
N ASN F 113 13.59 18.06 -36.17
CA ASN F 113 14.20 18.19 -37.50
C ASN F 113 13.18 18.58 -38.56
N GLY F 114 12.86 19.87 -38.67
CA GLY F 114 11.86 20.29 -39.65
C GLY F 114 12.41 21.13 -40.79
N ARG F 115 11.55 21.45 -41.73
CA ARG F 115 12.02 22.24 -42.86
C ARG F 115 11.29 23.57 -42.89
N HIS F 116 12.10 24.61 -42.78
CA HIS F 116 11.63 25.98 -42.79
C HIS F 116 11.84 26.67 -44.14
N ASP F 117 10.80 27.31 -44.68
CA ASP F 117 11.01 28.09 -45.90
C ASP F 117 9.92 29.12 -46.02
N GLY F 118 10.25 30.32 -45.55
CA GLY F 118 9.27 31.38 -45.60
C GLY F 118 8.12 31.01 -44.69
N GLY F 119 6.92 31.23 -45.18
CA GLY F 119 5.74 30.96 -44.41
C GLY F 119 5.36 29.50 -44.56
N TYR F 120 6.37 28.68 -44.80
CA TYR F 120 6.12 27.28 -44.95
C TYR F 120 6.83 26.48 -43.88
N TYR F 121 6.12 25.50 -43.33
CA TYR F 121 6.70 24.61 -42.35
C TYR F 121 6.29 23.19 -42.60
N THR F 122 7.28 22.31 -42.68
CA THR F 122 7.00 20.91 -42.91
C THR F 122 7.86 20.13 -41.95
N VAL F 123 7.34 19.00 -41.45
CA VAL F 123 8.09 18.17 -40.52
C VAL F 123 7.42 16.84 -40.26
N LYS F 124 8.27 15.83 -40.32
CA LYS F 124 7.93 14.44 -40.04
C LYS F 124 9.07 13.86 -39.21
N ASP F 125 8.85 13.87 -37.91
CA ASP F 125 9.85 13.42 -36.95
C ASP F 125 9.20 12.99 -35.65
N CYS F 126 10.03 12.47 -34.74
CA CYS F 126 9.58 11.96 -33.45
C CYS F 126 10.66 12.15 -32.40
N VAL F 127 10.24 12.18 -31.15
CA VAL F 127 11.17 12.36 -30.03
C VAL F 127 10.73 11.53 -28.83
N THR F 128 11.64 11.30 -27.89
CA THR F 128 11.24 10.49 -26.74
C THR F 128 11.02 11.29 -25.47
N ILE F 129 9.78 11.30 -25.04
CA ILE F 129 9.32 12.05 -23.87
C ILE F 129 8.93 11.11 -22.73
N ASP F 130 9.15 11.53 -21.50
CA ASP F 130 8.75 10.70 -20.38
C ASP F 130 7.24 10.85 -20.33
N VAL F 131 6.50 9.78 -20.52
CA VAL F 131 5.08 9.96 -20.53
C VAL F 131 4.35 9.75 -19.21
N LEU F 132 5.03 9.34 -18.19
CA LEU F 132 4.37 9.25 -16.88
C LEU F 132 4.37 10.66 -16.30
N PRO F 133 3.29 11.10 -15.64
CA PRO F 133 3.23 12.45 -15.10
C PRO F 133 4.31 12.67 -14.04
N ARG F 134 4.99 13.80 -14.14
CA ARG F 134 6.02 14.18 -13.18
C ARG F 134 5.32 14.65 -11.90
N THR F 135 3.98 14.65 -11.92
CA THR F 135 3.22 15.09 -10.76
C THR F 135 1.98 14.22 -10.64
N PRO F 136 1.56 13.98 -9.41
CA PRO F 136 0.54 12.99 -9.08
C PRO F 136 -0.73 13.08 -9.89
N GLY F 137 -1.50 14.12 -9.65
CA GLY F 137 -2.84 14.27 -10.26
C GLY F 137 -2.84 14.45 -11.79
N ASN F 138 -1.79 15.05 -12.30
CA ASN F 138 -1.67 15.42 -13.71
C ASN F 138 -1.88 14.28 -14.72
N ASN F 139 -2.02 14.80 -15.93
CA ASN F 139 -2.15 14.09 -17.20
C ASN F 139 -1.19 14.77 -18.15
N VAL F 140 -0.22 14.06 -18.63
CA VAL F 140 0.80 14.68 -19.47
C VAL F 140 0.36 14.79 -20.91
N TYR F 141 0.66 15.94 -21.52
CA TYR F 141 0.33 16.18 -22.91
C TYR F 141 1.61 16.47 -23.72
N VAL F 142 1.59 16.06 -24.99
CA VAL F 142 2.68 16.35 -25.89
C VAL F 142 2.01 17.03 -27.08
N GLY F 143 2.74 17.91 -27.73
CA GLY F 143 2.15 18.61 -28.87
C GLY F 143 3.10 19.37 -29.76
N PHE F 144 2.53 19.93 -30.83
CA PHE F 144 3.30 20.71 -31.78
C PHE F 144 2.91 22.16 -31.61
N MET F 145 3.90 23.00 -31.28
CA MET F 145 3.64 24.40 -31.03
C MET F 145 4.58 25.29 -31.84
N VAL F 146 3.95 26.15 -32.59
CA VAL F 146 4.65 27.20 -33.36
C VAL F 146 4.67 28.41 -32.45
N TRP F 147 5.68 29.23 -32.58
CA TRP F 147 5.79 30.37 -31.67
C TRP F 147 6.57 31.50 -32.29
N SER F 148 6.04 32.70 -32.11
CA SER F 148 6.66 33.91 -32.65
C SER F 148 5.89 35.13 -32.14
N ASN F 149 6.40 36.30 -32.45
CA ASN F 149 5.71 37.56 -32.14
C ASN F 149 4.89 37.90 -33.37
N PHE F 150 3.84 37.13 -33.48
CA PHE F 150 2.93 37.11 -34.62
C PHE F 150 2.31 38.45 -34.99
N THR F 151 2.21 38.54 -36.30
CA THR F 151 1.55 39.61 -37.03
C THR F 151 0.35 38.96 -37.71
N ALA F 152 -0.79 39.50 -37.45
CA ALA F 152 -2.02 38.95 -37.97
C ALA F 152 -1.88 38.46 -39.39
N THR F 153 -2.48 37.30 -39.65
CA THR F 153 -2.45 36.67 -40.96
C THR F 153 -3.21 35.35 -40.93
N LYS F 154 -3.06 34.57 -41.99
CA LYS F 154 -3.72 33.30 -42.07
C LYS F 154 -2.76 32.15 -42.34
N CYS F 155 -3.21 30.95 -41.99
CA CYS F 155 -2.43 29.75 -42.21
C CYS F 155 -3.46 28.72 -42.55
N ARG F 156 -3.00 27.64 -43.19
CA ARG F 156 -3.85 26.54 -43.60
C ARG F 156 -2.94 25.32 -43.59
N GLY F 157 -3.50 24.12 -43.69
CA GLY F 157 -2.64 22.93 -43.65
C GLY F 157 -3.00 21.95 -42.55
N LEU F 158 -2.10 20.99 -42.26
CA LEU F 158 -2.39 20.00 -41.22
C LEU F 158 -1.24 19.65 -40.30
N VAL F 159 -1.63 19.23 -39.11
CA VAL F 159 -0.72 18.84 -38.05
C VAL F 159 -1.15 17.46 -37.46
N SER F 160 -0.21 16.52 -37.33
CA SER F 160 -0.53 15.18 -36.79
C SER F 160 0.34 14.71 -35.62
N LEU F 161 -0.32 14.16 -34.61
CA LEU F 161 0.43 13.70 -33.48
C LEU F 161 0.21 12.23 -33.23
N ASN F 162 1.18 11.64 -32.54
CA ASN F 162 1.13 10.22 -32.20
C ASN F 162 2.13 9.72 -31.17
N GLN F 163 1.67 8.79 -30.36
CA GLN F 163 2.46 8.22 -29.29
C GLN F 163 2.71 6.74 -29.53
N VAL F 164 3.88 6.43 -30.08
CA VAL F 164 4.29 5.05 -30.37
C VAL F 164 4.22 4.26 -29.08
N ILE F 165 3.03 3.71 -28.88
CA ILE F 165 2.71 2.92 -27.70
C ILE F 165 2.21 1.55 -28.10
N LYS F 166 2.23 1.31 -29.39
CA LYS F 166 1.81 0.04 -29.98
C LYS F 166 2.13 0.21 -31.45
N GLU F 167 2.43 -0.87 -32.16
CA GLU F 167 2.78 -0.68 -33.55
C GLU F 167 1.68 -1.07 -34.50
N ILE F 168 1.64 -0.33 -35.61
CA ILE F 168 0.66 -0.53 -36.67
C ILE F 168 1.22 -1.53 -37.65
N ILE F 169 0.37 -2.41 -38.16
CA ILE F 169 0.83 -3.42 -39.11
C ILE F 169 0.51 -3.09 -40.54
N CYS F 170 1.49 -3.20 -41.43
CA CYS F 170 1.18 -2.94 -42.83
C CYS F 170 1.50 -4.15 -43.70
N LEU F 171 0.88 -4.21 -44.88
CA LEU F 171 1.12 -5.33 -45.78
C LEU F 171 2.45 -5.21 -46.49
N GLN F 172 3.20 -6.25 -46.28
CA GLN F 172 4.48 -6.48 -46.93
C GLN F 172 4.27 -7.74 -47.76
N PRO F 173 4.11 -7.59 -49.07
CA PRO F 173 3.73 -8.69 -49.93
C PRO F 173 4.65 -9.87 -49.84
N LEU F 174 5.88 -9.63 -49.43
CA LEU F 174 6.89 -10.71 -49.45
C LEU F 174 6.98 -11.48 -48.12
N LYS F 175 6.10 -11.18 -47.19
CA LYS F 175 6.09 -11.90 -45.90
C LYS F 175 5.04 -12.99 -45.96
N MET G 1 4.57 -43.28 12.11
CA MET G 1 3.72 -43.45 10.88
C MET G 1 4.11 -42.49 9.75
N GLU G 2 4.05 -41.20 10.04
CA GLU G 2 4.37 -40.18 9.04
C GLU G 2 5.79 -40.19 8.53
N GLN G 3 5.94 -39.91 7.25
CA GLN G 3 7.24 -39.86 6.63
C GLN G 3 7.54 -38.38 6.46
N LEU G 4 8.71 -38.10 5.92
CA LEU G 4 9.13 -36.73 5.68
C LEU G 4 10.50 -36.83 5.05
N THR G 5 10.65 -36.09 3.97
CA THR G 5 11.88 -36.06 3.21
C THR G 5 12.94 -35.34 3.99
N LYS G 6 13.98 -34.95 3.26
CA LYS G 6 15.06 -34.23 3.88
C LYS G 6 15.41 -32.92 3.15
N ASN G 7 15.99 -32.09 3.99
CA ASN G 7 16.44 -30.70 3.75
C ASN G 7 17.26 -30.50 2.46
N GLN G 8 17.79 -29.28 2.44
CA GLN G 8 18.68 -28.74 1.39
C GLN G 8 19.95 -28.25 2.11
N ARG G 61 17.52 -61.97 1.71
CA ARG G 61 16.59 -61.02 2.32
C ARG G 61 17.27 -59.64 2.48
N LYS G 62 18.52 -59.66 2.89
CA LYS G 62 19.31 -58.43 3.06
C LYS G 62 19.51 -57.73 1.72
N LYS G 63 19.71 -58.57 0.73
CA LYS G 63 19.96 -58.14 -0.64
C LYS G 63 18.75 -57.34 -1.15
N ARG G 64 17.55 -57.86 -0.86
CA ARG G 64 16.28 -57.19 -1.25
C ARG G 64 16.13 -55.87 -0.46
N ASP G 65 16.55 -55.90 0.80
CA ASP G 65 16.46 -54.72 1.68
C ASP G 65 17.34 -53.59 1.10
N GLU G 66 18.48 -54.01 0.58
CA GLU G 66 19.45 -53.09 -0.04
C GLU G 66 18.84 -52.47 -1.31
N ILE G 67 18.12 -53.33 -2.04
CA ILE G 67 17.43 -52.96 -3.31
C ILE G 67 16.37 -51.89 -3.00
N GLU G 68 15.70 -52.11 -1.89
CA GLU G 68 14.63 -51.21 -1.41
C GLU G 68 15.20 -49.83 -1.07
N ALA G 69 16.37 -49.86 -0.45
CA ALA G 69 17.08 -48.64 -0.03
C ALA G 69 17.50 -47.81 -1.24
N GLY G 70 17.97 -48.52 -2.25
CA GLY G 70 18.42 -47.93 -3.50
C GLY G 70 17.26 -47.25 -4.17
N LYS G 71 16.15 -47.93 -4.05
CA LYS G 71 14.89 -47.50 -4.61
C LYS G 71 14.42 -46.18 -3.96
N SER G 72 14.61 -46.11 -2.65
CA SER G 72 14.26 -44.91 -1.84
C SER G 72 15.11 -43.71 -2.26
N TYR G 73 16.38 -44.01 -2.51
CA TYR G 73 17.39 -43.03 -2.90
C TYR G 73 16.99 -42.39 -4.22
N CYS G 74 16.45 -43.26 -5.03
CA CYS G 74 15.98 -42.93 -6.36
C CYS G 74 14.83 -41.93 -6.28
N SER G 75 13.95 -42.12 -5.31
CA SER G 75 12.80 -41.21 -5.12
C SER G 75 13.22 -39.80 -4.68
N ARG G 76 14.22 -39.73 -3.78
CA ARG G 76 14.71 -38.41 -3.29
C ARG G 76 15.28 -37.64 -4.47
N ARG G 77 15.91 -38.38 -5.35
CA ARG G 77 16.51 -37.73 -6.52
C ARG G 77 15.34 -37.05 -7.25
N PHE G 78 14.24 -37.80 -7.33
CA PHE G 78 12.96 -37.32 -7.91
C PHE G 78 12.17 -36.33 -7.01
N GLY G 79 12.09 -36.66 -5.72
CA GLY G 79 11.26 -35.93 -4.72
C GLY G 79 11.86 -34.58 -4.34
N GLY G 80 13.09 -34.42 -4.70
CA GLY G 80 13.84 -33.20 -4.42
C GLY G 80 15.23 -33.56 -3.94
N ALA G 81 15.30 -33.96 -2.67
CA ALA G 81 16.58 -34.30 -2.08
C ALA G 81 16.46 -35.00 -0.72
N THR G 82 17.17 -36.13 -0.57
CA THR G 82 17.19 -36.94 0.66
C THR G 82 15.81 -37.39 1.12
N CYS G 83 15.79 -37.94 2.33
CA CYS G 83 14.59 -38.44 3.05
C CYS G 83 15.09 -39.36 4.17
N ASP G 84 14.37 -39.41 5.28
CA ASP G 84 14.76 -40.26 6.41
C ASP G 84 14.75 -41.73 6.01
N ASP G 85 15.71 -42.49 6.54
CA ASP G 85 15.78 -43.91 6.25
C ASP G 85 14.39 -44.54 6.22
N LYS G 86 13.87 -44.81 7.41
CA LYS G 86 12.56 -45.42 7.58
C LYS G 86 11.52 -44.91 6.59
N SER G 87 11.40 -43.59 6.48
CA SER G 87 10.43 -43.04 5.56
C SER G 87 10.80 -43.51 4.15
N ALA G 88 11.99 -43.15 3.69
CA ALA G 88 12.50 -43.52 2.37
C ALA G 88 12.06 -44.90 1.90
N GLN G 89 12.08 -45.85 2.82
CA GLN G 89 11.68 -47.21 2.53
C GLN G 89 10.19 -47.20 2.17
N ILE G 90 9.42 -46.50 2.98
CA ILE G 90 7.99 -46.39 2.75
C ILE G 90 7.78 -45.70 1.42
N TYR G 91 8.67 -44.76 1.14
CA TYR G 91 8.61 -44.02 -0.10
C TYR G 91 8.81 -45.00 -1.24
N ALA G 92 9.57 -46.06 -0.94
CA ALA G 92 9.86 -47.09 -1.91
C ALA G 92 8.56 -47.80 -2.30
N ARG G 93 7.81 -48.21 -1.28
CA ARG G 93 6.55 -48.93 -1.47
C ARG G 93 5.45 -48.31 -2.37
N PHE G 94 5.19 -47.00 -2.24
CA PHE G 94 4.15 -46.32 -3.02
C PHE G 94 4.02 -46.69 -4.52
N ASP G 95 2.80 -47.05 -4.90
CA ASP G 95 2.48 -47.40 -6.28
C ASP G 95 1.72 -46.30 -7.01
N LYS G 96 2.38 -45.71 -7.99
CA LYS G 96 1.81 -44.63 -8.78
C LYS G 96 0.37 -44.89 -9.23
N ASN G 97 -0.05 -46.14 -9.15
CA ASN G 97 -1.39 -46.48 -9.59
C ASN G 97 -2.45 -46.79 -8.56
N ASP G 98 -2.04 -47.15 -7.35
CA ASP G 98 -3.04 -47.43 -6.34
C ASP G 98 -3.73 -46.12 -6.03
N TRP G 99 -5.02 -46.02 -6.36
CA TRP G 99 -5.77 -44.80 -6.13
C TRP G 99 -5.90 -44.57 -4.62
N ARG G 100 -5.89 -45.66 -3.88
CA ARG G 100 -6.03 -45.61 -2.42
C ARG G 100 -4.90 -44.88 -1.74
N ILE G 101 -5.25 -44.26 -0.63
CA ILE G 101 -4.32 -43.50 0.15
C ILE G 101 -3.10 -44.28 0.62
N GLN G 102 -1.98 -44.06 -0.04
CA GLN G 102 -0.73 -44.69 0.32
C GLN G 102 -0.21 -43.84 1.51
N PRO G 103 0.82 -44.32 2.23
CA PRO G 103 1.41 -43.63 3.38
C PRO G 103 2.55 -42.75 2.98
N ALA G 104 3.19 -43.11 1.88
CA ALA G 104 4.25 -42.29 1.32
C ALA G 104 3.61 -40.97 0.91
N GLU G 105 2.29 -41.05 0.91
CA GLU G 105 1.40 -39.94 0.58
C GLU G 105 1.42 -38.93 1.72
N PHE G 106 2.03 -39.30 2.85
CA PHE G 106 2.11 -38.39 3.99
C PHE G 106 3.59 -37.96 4.11
N TYR G 107 3.86 -36.66 4.26
CA TYR G 107 5.26 -36.16 4.35
C TYR G 107 5.31 -34.64 4.49
N ARG G 108 6.37 -34.23 5.14
CA ARG G 108 6.71 -32.84 5.34
C ARG G 108 8.03 -32.61 4.60
N PHE G 109 8.04 -31.60 3.76
CA PHE G 109 9.26 -31.26 3.03
C PHE G 109 10.12 -30.45 3.97
N HIS G 110 11.41 -30.80 4.06
CA HIS G 110 12.26 -30.07 4.99
C HIS G 110 13.34 -29.31 4.22
N ASP G 111 13.50 -28.03 4.57
CA ASP G 111 14.47 -27.16 3.90
C ASP G 111 15.36 -26.38 4.88
N ALA G 112 16.54 -26.94 5.04
CA ALA G 112 17.59 -26.41 5.93
C ALA G 112 17.45 -24.91 6.16
N GLU G 113 17.62 -24.14 5.09
CA GLU G 113 17.56 -22.69 5.15
C GLU G 113 16.54 -22.12 6.10
N VAL G 114 15.25 -22.36 5.83
CA VAL G 114 14.20 -21.84 6.71
C VAL G 114 14.41 -22.44 8.08
N ASN G 115 14.82 -23.69 8.13
CA ASN G 115 15.05 -24.29 9.42
C ASN G 115 16.10 -23.52 10.23
N THR G 116 17.24 -23.24 9.62
CA THR G 116 18.29 -22.50 10.32
C THR G 116 17.98 -21.00 10.37
N PHE G 117 17.98 -20.31 9.22
CA PHE G 117 17.70 -18.86 9.23
C PHE G 117 16.26 -18.51 9.48
N GLY G 118 15.38 -19.43 9.12
CA GLY G 118 13.96 -19.20 9.34
C GLY G 118 13.28 -18.42 8.26
N TYR G 119 13.99 -18.15 7.17
CA TYR G 119 13.39 -17.43 6.07
C TYR G 119 14.09 -17.58 4.74
N PHE G 120 13.32 -18.00 3.73
CA PHE G 120 13.82 -18.20 2.35
C PHE G 120 14.48 -16.96 1.74
#